data_3IH5
#
_entry.id   3IH5
#
_cell.length_a   102.099
_cell.length_b   102.099
_cell.length_c   209.169
_cell.angle_alpha   90.00
_cell.angle_beta   90.00
_cell.angle_gamma   120.00
#
_symmetry.space_group_name_H-M   'P 32 2 1'
#
loop_
_entity.id
_entity.type
_entity.pdbx_description
1 polymer 'Electron transfer flavoprotein alpha-subunit'
2 non-polymer 'MALONIC ACID'
3 non-polymer 'SODIUM ION'
4 non-polymer 'FORMIC ACID'
5 water water
#
_entity_poly.entity_id   1
_entity_poly.type   'polypeptide(L)'
_entity_poly.pdbx_seq_one_letter_code
;SNANNLFVYCEIEEGIVADVSLELLTKGRSLANELNCQLEAVVAGTGLKEIEKQILPYGVDKLHVFDAEGLYPYTSLPHT
SILVNLFKEEQPQICL(MSE)GATVIGRDLGPRVSSALTSGLTADCTSLEIGDHEDKKEGKVYKNLLYQIRPAFGGNIVA
TIVNPEHRPQ(MSE)ATVREGV(MSE)KKEIVSPAYQGEVIRHDVKKYVADTDYVVKVIERHVEKAKNN
;
_entity_poly.pdbx_strand_id   A,B,C,D
#
# COMPACT_ATOMS: atom_id res chain seq x y z
N ALA A 3 23.23 18.84 -34.08
CA ALA A 3 21.82 18.64 -33.75
C ALA A 3 21.52 18.92 -32.27
N ASN A 4 20.23 19.15 -32.01
CA ASN A 4 19.74 19.44 -30.68
C ASN A 4 18.60 18.52 -30.36
N ASN A 5 18.92 17.45 -29.65
CA ASN A 5 17.95 16.40 -29.48
C ASN A 5 17.19 16.46 -28.17
N LEU A 6 16.36 15.44 -27.96
CA LEU A 6 15.47 15.39 -26.82
C LEU A 6 15.90 14.24 -25.90
N PHE A 7 16.40 14.58 -24.72
CA PHE A 7 16.86 13.57 -23.76
C PHE A 7 15.78 13.19 -22.77
N VAL A 8 15.88 11.97 -22.25
CA VAL A 8 15.00 11.50 -21.20
C VAL A 8 15.86 10.80 -20.18
N TYR A 9 15.69 11.13 -18.90
CA TYR A 9 16.41 10.45 -17.84
C TYR A 9 15.67 9.19 -17.42
N CYS A 10 16.32 8.05 -17.60
CA CYS A 10 15.73 6.76 -17.28
C CYS A 10 16.09 6.38 -15.85
N GLU A 11 15.11 6.46 -14.97
CA GLU A 11 15.34 6.18 -13.56
C GLU A 11 15.37 4.68 -13.31
N ILE A 12 16.29 4.24 -12.45
CA ILE A 12 16.58 2.83 -12.24
C ILE A 12 16.22 2.40 -10.82
N GLU A 13 15.69 1.18 -10.68
CA GLU A 13 15.51 0.61 -9.35
C GLU A 13 15.68 -0.90 -9.40
N GLU A 14 16.63 -1.41 -8.61
CA GLU A 14 16.88 -2.84 -8.56
C GLU A 14 17.05 -3.40 -9.98
N GLY A 15 17.69 -2.64 -10.86
CA GLY A 15 18.01 -3.12 -12.19
C GLY A 15 16.95 -2.90 -13.26
N ILE A 16 15.76 -2.51 -12.82
CA ILE A 16 14.66 -2.25 -13.75
C ILE A 16 14.36 -0.74 -13.92
N VAL A 17 14.50 -0.29 -15.16
CA VAL A 17 14.09 1.06 -15.53
C VAL A 17 12.65 1.26 -15.10
N ALA A 18 12.41 2.37 -14.39
CA ALA A 18 11.09 2.65 -13.83
C ALA A 18 10.04 2.85 -14.91
N ASP A 19 8.81 2.49 -14.60
CA ASP A 19 7.70 2.71 -15.52
C ASP A 19 7.54 4.16 -15.98
N VAL A 20 7.82 5.13 -15.10
CA VAL A 20 7.60 6.53 -15.50
C VAL A 20 8.48 6.88 -16.67
N SER A 21 9.72 6.41 -16.62
CA SER A 21 10.69 6.69 -17.66
C SER A 21 10.23 6.07 -18.98
N LEU A 22 9.73 4.83 -18.94
CA LEU A 22 9.30 4.19 -20.17
C LEU A 22 8.14 4.98 -20.80
N GLU A 23 7.25 5.49 -19.96
CA GLU A 23 6.15 6.30 -20.47
C GLU A 23 6.71 7.58 -21.08
N LEU A 24 7.84 8.03 -20.55
CA LEU A 24 8.48 9.25 -21.05
C LEU A 24 9.38 9.02 -22.27
N LEU A 25 9.94 7.82 -22.40
CA LEU A 25 10.62 7.43 -23.64
C LEU A 25 9.58 7.36 -24.75
N THR A 26 8.39 6.87 -24.41
CA THR A 26 7.30 6.80 -25.38
C THR A 26 6.85 8.18 -25.81
N LYS A 27 6.54 9.02 -24.83
CA LYS A 27 6.11 10.39 -25.09
C LYS A 27 7.20 11.17 -25.80
N GLY A 28 8.42 11.01 -25.32
CA GLY A 28 9.59 11.62 -25.94
C GLY A 28 9.69 11.29 -27.42
N ARG A 29 9.56 10.01 -27.77
CA ARG A 29 9.62 9.55 -29.16
C ARG A 29 8.69 10.35 -30.07
N SER A 30 7.48 10.63 -29.62
CA SER A 30 6.50 11.34 -30.44
C SER A 30 6.91 12.79 -30.63
N LEU A 31 7.37 13.40 -29.55
CA LEU A 31 7.82 14.78 -29.59
C LEU A 31 9.04 14.88 -30.50
N ALA A 32 9.95 13.91 -30.37
CA ALA A 32 11.15 13.87 -31.21
C ALA A 32 10.76 13.72 -32.69
N ASN A 33 9.76 12.91 -32.96
CA ASN A 33 9.25 12.76 -34.32
C ASN A 33 8.72 14.07 -34.87
N GLU A 34 8.02 14.82 -34.01
CA GLU A 34 7.39 16.06 -34.46
C GLU A 34 8.42 17.17 -34.62
N LEU A 35 9.50 17.06 -33.87
CA LEU A 35 10.60 18.01 -33.92
C LEU A 35 11.60 17.64 -35.00
N ASN A 36 11.49 16.42 -35.52
CA ASN A 36 12.47 15.87 -36.44
C ASN A 36 13.88 15.87 -35.87
N CYS A 37 13.98 15.53 -34.60
CA CYS A 37 15.28 15.36 -33.97
C CYS A 37 15.34 13.94 -33.43
N GLN A 38 16.45 13.62 -32.77
CA GLN A 38 16.63 12.28 -32.25
C GLN A 38 16.19 12.16 -30.79
N LEU A 39 15.87 10.93 -30.38
CA LEU A 39 15.57 10.65 -28.99
C LEU A 39 16.80 10.06 -28.34
N GLU A 40 17.32 10.72 -27.31
CA GLU A 40 18.46 10.20 -26.56
C GLU A 40 18.01 9.92 -25.13
N ALA A 41 18.77 9.11 -24.41
CA ALA A 41 18.35 8.69 -23.08
C ALA A 41 19.59 8.52 -22.23
N VAL A 42 19.44 8.63 -20.91
CA VAL A 42 20.58 8.56 -20.02
C VAL A 42 20.22 7.62 -18.91
N VAL A 43 21.16 6.78 -18.51
CA VAL A 43 20.90 5.90 -17.39
C VAL A 43 22.18 5.82 -16.59
N ALA A 44 22.04 5.77 -15.27
CA ALA A 44 23.20 5.74 -14.38
C ALA A 44 22.92 4.78 -13.23
N GLY A 45 23.85 3.87 -12.98
CA GLY A 45 23.71 2.91 -11.91
C GLY A 45 24.88 1.95 -11.89
N THR A 46 24.60 0.71 -11.45
CA THR A 46 25.63 -0.32 -11.38
C THR A 46 25.17 -1.55 -12.13
N GLY A 47 26.11 -2.26 -12.73
CA GLY A 47 25.82 -3.50 -13.41
C GLY A 47 24.76 -3.36 -14.49
N LEU A 48 25.10 -2.64 -15.55
CA LEU A 48 24.14 -2.33 -16.59
C LEU A 48 24.48 -3.01 -17.92
N LYS A 49 25.06 -4.21 -17.86
CA LYS A 49 25.55 -4.89 -19.07
C LYS A 49 24.56 -4.96 -20.23
N GLU A 50 23.29 -5.24 -19.95
CA GLU A 50 22.32 -5.29 -21.04
C GLU A 50 21.11 -4.40 -20.80
N ILE A 51 21.37 -3.23 -20.24
CA ILE A 51 20.32 -2.27 -19.94
C ILE A 51 19.63 -1.77 -21.21
N GLU A 52 20.37 -1.70 -22.31
CA GLU A 52 19.82 -1.23 -23.58
C GLU A 52 18.58 -2.02 -23.99
N LYS A 53 18.50 -3.27 -23.53
CA LYS A 53 17.36 -4.15 -23.83
C LYS A 53 16.02 -3.56 -23.35
N GLN A 54 16.04 -2.79 -22.26
CA GLN A 54 14.82 -2.20 -21.70
C GLN A 54 14.48 -0.83 -22.30
N ILE A 55 15.50 -0.16 -22.84
CA ILE A 55 15.36 1.22 -23.29
C ILE A 55 15.21 1.36 -24.79
N LEU A 56 16.10 0.73 -25.57
CA LEU A 56 16.14 0.89 -27.03
C LEU A 56 14.82 0.64 -27.77
N PRO A 57 14.09 -0.41 -27.38
CA PRO A 57 12.82 -0.71 -28.06
C PRO A 57 11.83 0.46 -28.07
N TYR A 58 11.95 1.44 -27.17
CA TYR A 58 11.01 2.56 -27.15
C TYR A 58 11.33 3.61 -28.19
N GLY A 59 12.38 3.36 -28.97
CA GLY A 59 12.71 4.23 -30.10
C GLY A 59 13.85 5.18 -29.77
N VAL A 60 14.71 4.73 -28.87
CA VAL A 60 15.85 5.54 -28.45
C VAL A 60 16.99 5.42 -29.44
N ASP A 61 17.44 6.56 -29.95
CA ASP A 61 18.46 6.59 -31.00
C ASP A 61 19.87 6.50 -30.44
N LYS A 62 20.00 6.95 -29.20
CA LYS A 62 21.30 7.01 -28.55
C LYS A 62 21.11 6.92 -27.05
N LEU A 63 21.75 5.94 -26.44
CA LEU A 63 21.61 5.70 -25.03
C LEU A 63 22.97 5.86 -24.35
N HIS A 64 23.05 6.83 -23.44
CA HIS A 64 24.26 7.12 -22.70
C HIS A 64 24.24 6.36 -21.38
N VAL A 65 25.24 5.53 -21.17
CA VAL A 65 25.24 4.64 -20.03
C VAL A 65 26.40 4.95 -19.09
N PHE A 66 26.07 5.25 -17.84
CA PHE A 66 27.08 5.49 -16.81
C PHE A 66 26.97 4.39 -15.76
N ASP A 67 28.08 3.67 -15.55
CA ASP A 67 28.06 2.44 -14.75
C ASP A 67 29.25 2.36 -13.81
N ALA A 68 29.00 2.63 -12.52
CA ALA A 68 30.04 2.57 -11.50
C ALA A 68 29.40 2.15 -10.20
N GLU A 69 30.22 1.69 -9.26
CA GLU A 69 29.70 1.26 -7.96
C GLU A 69 28.88 2.34 -7.30
N GLY A 70 29.38 3.57 -7.38
CA GLY A 70 28.83 4.67 -6.61
C GLY A 70 27.62 5.35 -7.22
N LEU A 71 27.09 4.81 -8.30
CA LEU A 71 25.95 5.40 -9.00
C LEU A 71 24.63 4.75 -8.61
N TYR A 72 24.70 3.74 -7.74
CA TYR A 72 23.49 3.15 -7.22
C TYR A 72 23.71 2.79 -5.77
N PRO A 73 22.70 3.08 -4.92
CA PRO A 73 21.44 3.75 -5.24
C PRO A 73 21.67 5.21 -5.59
N TYR A 74 20.67 5.84 -6.19
CA TYR A 74 20.76 7.25 -6.53
C TYR A 74 21.23 8.11 -5.34
N THR A 75 22.25 8.94 -5.57
CA THR A 75 22.64 10.01 -4.66
C THR A 75 22.68 11.28 -5.49
N SER A 76 22.68 12.44 -4.84
CA SER A 76 22.37 13.69 -5.55
C SER A 76 23.52 14.26 -6.35
N LEU A 77 24.73 14.24 -5.79
CA LEU A 77 25.84 14.91 -6.45
C LEU A 77 26.32 14.19 -7.74
N PRO A 78 26.58 12.86 -7.66
CA PRO A 78 27.03 12.15 -8.86
C PRO A 78 26.04 12.22 -10.02
N HIS A 79 24.77 11.96 -9.74
CA HIS A 79 23.75 12.01 -10.77
C HIS A 79 23.56 13.41 -11.34
N THR A 80 23.74 14.43 -10.51
CA THR A 80 23.59 15.81 -10.99
C THR A 80 24.79 16.21 -11.85
N SER A 81 26.01 15.96 -11.35
CA SER A 81 27.22 16.09 -12.16
C SER A 81 27.07 15.48 -13.55
N ILE A 82 26.67 14.22 -13.61
CA ILE A 82 26.58 13.48 -14.86
C ILE A 82 25.65 14.17 -15.85
N LEU A 83 24.39 14.41 -15.44
CA LEU A 83 23.44 15.05 -16.34
C LEU A 83 23.89 16.45 -16.75
N VAL A 84 24.48 17.17 -15.81
CA VAL A 84 24.86 18.55 -16.07
C VAL A 84 26.01 18.60 -17.09
N ASN A 85 27.08 17.86 -16.82
CA ASN A 85 28.19 17.78 -17.75
C ASN A 85 27.78 17.24 -19.13
N LEU A 86 27.01 16.16 -19.17
CA LEU A 86 26.53 15.61 -20.43
C LEU A 86 25.69 16.62 -21.21
N PHE A 87 24.77 17.28 -20.53
CA PHE A 87 23.87 18.20 -21.19
C PHE A 87 24.61 19.44 -21.66
N LYS A 88 25.75 19.72 -21.04
CA LYS A 88 26.58 20.84 -21.46
C LYS A 88 27.25 20.55 -22.79
N GLU A 89 27.63 19.28 -22.98
CA GLU A 89 28.22 18.81 -24.23
C GLU A 89 27.17 18.64 -25.33
N GLU A 90 26.10 17.91 -25.03
CA GLU A 90 25.10 17.57 -26.04
C GLU A 90 24.11 18.69 -26.38
N GLN A 91 24.01 19.68 -25.50
CA GLN A 91 23.08 20.81 -25.69
C GLN A 91 21.68 20.39 -26.13
N PRO A 92 20.98 19.58 -25.32
CA PRO A 92 19.65 19.11 -25.72
C PRO A 92 18.68 20.26 -25.77
N GLN A 93 17.66 20.17 -26.60
CA GLN A 93 16.66 21.21 -26.62
C GLN A 93 15.57 20.92 -25.59
N ILE A 94 15.36 19.64 -25.30
CA ILE A 94 14.41 19.23 -24.28
C ILE A 94 15.00 18.15 -23.38
N CYS A 95 14.66 18.19 -22.09
CA CYS A 95 14.91 17.06 -21.21
C CYS A 95 13.68 16.71 -20.37
N LEU A 96 13.31 15.43 -20.38
CA LEU A 96 12.15 14.93 -19.66
C LEU A 96 12.57 13.99 -18.54
N GLY A 98 10.84 11.64 -14.93
CA GLY A 98 9.68 11.23 -14.15
C GLY A 98 9.57 12.00 -12.84
N ALA A 99 8.36 12.50 -12.56
CA ALA A 99 8.10 13.27 -11.35
C ALA A 99 7.99 12.33 -10.16
N THR A 100 9.15 11.91 -9.63
CA THR A 100 9.21 10.92 -8.58
C THR A 100 10.07 11.44 -7.45
N VAL A 101 10.35 10.60 -6.48
CA VAL A 101 11.24 11.02 -5.41
C VAL A 101 12.57 11.47 -5.99
N ILE A 102 13.18 10.60 -6.80
CA ILE A 102 14.42 10.95 -7.51
C ILE A 102 14.25 12.21 -8.39
N GLY A 103 13.20 12.25 -9.21
CA GLY A 103 12.94 13.40 -10.05
C GLY A 103 12.82 14.73 -9.32
N ARG A 104 12.24 14.72 -8.13
CA ARG A 104 12.00 15.96 -7.40
C ARG A 104 13.24 16.46 -6.73
N ASP A 105 14.23 15.59 -6.60
CA ASP A 105 15.53 16.00 -6.09
C ASP A 105 16.50 16.36 -7.21
N LEU A 106 16.42 15.65 -8.33
CA LEU A 106 17.38 15.85 -9.41
C LEU A 106 16.97 16.95 -10.39
N GLY A 107 15.69 17.00 -10.74
CA GLY A 107 15.20 18.01 -11.65
C GLY A 107 15.62 19.43 -11.34
N PRO A 108 15.36 19.91 -10.09
CA PRO A 108 15.79 21.28 -9.76
C PRO A 108 17.30 21.45 -9.79
N ARG A 109 18.05 20.49 -9.29
CA ARG A 109 19.50 20.63 -9.24
C ARG A 109 20.07 20.79 -10.65
N VAL A 110 19.61 19.97 -11.58
CA VAL A 110 20.10 19.97 -12.95
C VAL A 110 19.62 21.18 -13.73
N SER A 111 18.34 21.50 -13.63
CA SER A 111 17.82 22.64 -14.36
C SER A 111 18.45 23.96 -13.87
N SER A 112 18.83 24.03 -12.60
CA SER A 112 19.40 25.25 -12.05
C SER A 112 20.82 25.47 -12.54
N ALA A 113 21.59 24.38 -12.63
CA ALA A 113 22.97 24.43 -13.08
C ALA A 113 23.06 24.71 -14.59
N LEU A 114 21.94 24.56 -15.29
CA LEU A 114 21.89 24.77 -16.74
C LEU A 114 21.08 26.01 -17.07
N THR A 115 20.75 26.77 -16.03
CA THR A 115 19.97 28.00 -16.19
C THR A 115 18.69 27.74 -16.99
N SER A 116 17.90 26.80 -16.51
N SER A 116 17.88 26.82 -16.50
CA SER A 116 16.60 26.49 -17.09
CA SER A 116 16.60 26.54 -17.12
C SER A 116 15.54 26.46 -16.01
C SER A 116 15.53 26.40 -16.05
N GLY A 117 14.32 26.85 -16.37
CA GLY A 117 13.22 26.77 -15.43
C GLY A 117 12.36 25.52 -15.56
N LEU A 118 12.51 24.60 -14.60
CA LEU A 118 11.76 23.35 -14.57
C LEU A 118 10.28 23.53 -14.27
N THR A 119 9.44 22.94 -15.12
CA THR A 119 8.01 22.86 -14.82
C THR A 119 7.62 21.44 -14.39
N ALA A 120 7.32 21.27 -13.10
CA ALA A 120 7.02 19.95 -12.55
C ALA A 120 5.58 19.51 -12.83
N ASP A 121 5.35 18.20 -12.79
CA ASP A 121 4.00 17.61 -12.85
C ASP A 121 3.17 18.06 -14.03
N CYS A 122 3.73 18.06 -15.23
CA CYS A 122 2.94 18.41 -16.40
C CYS A 122 1.86 17.38 -16.66
N THR A 123 0.72 17.82 -17.18
CA THR A 123 -0.36 16.91 -17.52
C THR A 123 -0.42 16.65 -19.02
N SER A 124 0.16 17.57 -19.80
CA SER A 124 0.34 17.33 -21.23
C SER A 124 1.62 17.99 -21.73
N LEU A 125 2.20 17.38 -22.76
CA LEU A 125 3.29 18.04 -23.48
C LEU A 125 2.93 18.04 -24.95
N GLU A 126 3.16 19.18 -25.60
N GLU A 126 3.13 19.18 -25.61
CA GLU A 126 2.91 19.33 -27.02
CA GLU A 126 2.95 19.24 -27.05
C GLU A 126 4.02 20.18 -27.63
C GLU A 126 4.02 20.16 -27.64
N ILE A 127 4.02 20.28 -28.96
CA ILE A 127 4.95 21.16 -29.65
C ILE A 127 4.16 22.29 -30.28
N GLY A 128 4.61 23.53 -30.10
CA GLY A 128 3.87 24.67 -30.59
C GLY A 128 4.68 25.94 -30.74
N ASP A 129 4.06 26.96 -31.34
CA ASP A 129 4.73 28.22 -31.61
C ASP A 129 4.30 29.33 -30.64
N HIS A 130 5.27 30.07 -30.14
CA HIS A 130 4.95 31.25 -29.35
C HIS A 130 5.52 32.48 -30.03
N GLU A 131 4.66 33.43 -30.39
CA GLU A 131 5.16 34.70 -30.95
C GLU A 131 5.27 35.79 -29.89
N ASP A 132 6.47 36.32 -29.76
CA ASP A 132 6.74 37.45 -28.88
C ASP A 132 6.43 38.71 -29.65
N LYS A 133 5.24 39.26 -29.45
CA LYS A 133 4.79 40.40 -30.23
C LYS A 133 5.72 41.60 -30.05
N LYS A 134 6.00 41.94 -28.80
CA LYS A 134 6.82 43.10 -28.47
C LYS A 134 8.20 43.09 -29.13
N GLU A 135 8.81 41.92 -29.25
CA GLU A 135 10.15 41.82 -29.82
C GLU A 135 10.11 41.59 -31.33
N GLY A 136 8.97 41.10 -31.83
CA GLY A 136 8.79 40.84 -33.25
C GLY A 136 9.40 39.54 -33.72
N LYS A 137 9.55 38.58 -32.81
CA LYS A 137 10.17 37.30 -33.14
C LYS A 137 9.22 36.13 -32.84
N VAL A 138 8.98 35.28 -33.83
CA VAL A 138 8.18 34.09 -33.59
C VAL A 138 9.07 32.93 -33.21
N TYR A 139 8.80 32.33 -32.06
CA TYR A 139 9.55 31.17 -31.62
C TYR A 139 8.84 29.93 -32.10
N LYS A 140 9.60 29.05 -32.74
CA LYS A 140 9.01 27.91 -33.41
C LYS A 140 9.37 26.59 -32.73
N ASN A 141 8.45 25.63 -32.78
CA ASN A 141 8.65 24.31 -32.21
C ASN A 141 9.14 24.33 -30.76
N LEU A 142 8.37 24.97 -29.89
CA LEU A 142 8.65 25.00 -28.47
C LEU A 142 7.91 23.88 -27.73
N LEU A 143 8.46 23.49 -26.59
CA LEU A 143 7.83 22.51 -25.72
C LEU A 143 6.72 23.14 -24.87
N TYR A 144 5.48 22.96 -25.28
CA TYR A 144 4.34 23.36 -24.48
C TYR A 144 4.29 22.53 -23.19
N GLN A 145 4.59 23.15 -22.06
CA GLN A 145 4.50 22.49 -20.77
C GLN A 145 3.17 22.82 -20.10
N ILE A 146 2.20 21.92 -20.24
CA ILE A 146 0.82 22.19 -19.81
C ILE A 146 0.51 21.58 -18.45
N ARG A 147 -0.18 22.35 -17.62
CA ARG A 147 -0.56 21.92 -16.27
C ARG A 147 -1.48 22.93 -15.57
N PRO A 148 -2.16 22.47 -14.52
CA PRO A 148 -2.96 23.39 -13.69
C PRO A 148 -2.06 24.43 -13.03
N ALA A 149 -2.49 25.69 -12.97
CA ALA A 149 -1.75 26.72 -12.26
C ALA A 149 -1.62 26.31 -10.79
N PHE A 150 -2.72 25.82 -10.24
CA PHE A 150 -2.76 25.28 -8.90
C PHE A 150 -3.99 24.41 -8.87
N GLY A 151 -4.23 23.73 -7.75
CA GLY A 151 -5.45 22.96 -7.62
C GLY A 151 -5.70 22.17 -8.89
N GLY A 152 -6.81 22.41 -9.57
CA GLY A 152 -7.12 21.59 -10.72
C GLY A 152 -7.86 22.16 -11.91
N ASN A 153 -8.64 23.22 -11.75
CA ASN A 153 -9.50 23.66 -12.85
C ASN A 153 -8.86 24.68 -13.79
N ILE A 154 -7.92 25.44 -13.26
CA ILE A 154 -7.29 26.49 -14.03
C ILE A 154 -6.01 25.93 -14.65
N VAL A 155 -5.98 25.89 -15.97
CA VAL A 155 -4.89 25.24 -16.71
C VAL A 155 -4.21 26.20 -17.69
N ALA A 156 -2.87 26.21 -17.69
CA ALA A 156 -2.13 27.06 -18.62
C ALA A 156 -0.97 26.31 -19.29
N THR A 157 -0.39 26.90 -20.32
CA THR A 157 0.81 26.33 -20.89
C THR A 157 2.00 27.24 -20.61
N ILE A 158 3.08 26.67 -20.07
CA ILE A 158 4.33 27.39 -19.83
C ILE A 158 5.24 27.13 -21.02
N VAL A 159 6.03 28.13 -21.41
CA VAL A 159 7.08 27.92 -22.42
C VAL A 159 8.33 28.63 -21.97
N ASN A 160 9.47 28.14 -22.45
CA ASN A 160 10.74 28.82 -22.28
C ASN A 160 11.26 29.10 -23.68
N PRO A 161 11.03 30.33 -24.17
CA PRO A 161 11.32 30.55 -25.59
C PRO A 161 12.82 30.49 -25.93
N GLU A 162 13.69 30.76 -24.96
CA GLU A 162 15.12 30.83 -25.27
C GLU A 162 16.03 29.93 -24.43
N HIS A 163 15.68 29.72 -23.17
CA HIS A 163 16.51 28.93 -22.28
C HIS A 163 16.49 27.42 -22.58
N ARG A 164 17.66 26.80 -22.58
CA ARG A 164 17.78 25.38 -22.94
C ARG A 164 18.66 24.63 -21.94
N PRO A 165 18.28 23.37 -21.61
CA PRO A 165 17.12 22.67 -22.18
C PRO A 165 15.80 23.16 -21.60
N GLN A 166 14.73 23.01 -22.37
CA GLN A 166 13.39 23.15 -21.82
C GLN A 166 13.13 21.87 -21.02
N ALA A 168 10.87 19.51 -18.27
CA ALA A 168 9.57 19.21 -17.66
C ALA A 168 9.66 17.89 -16.90
N THR A 169 8.78 17.70 -15.91
CA THR A 169 8.61 16.38 -15.32
C THR A 169 7.17 15.95 -15.45
N VAL A 170 6.94 14.64 -15.42
CA VAL A 170 5.59 14.07 -15.45
C VAL A 170 5.45 12.95 -14.42
N ARG A 171 4.28 12.88 -13.80
CA ARG A 171 3.93 11.82 -12.86
C ARG A 171 3.72 10.47 -13.56
N GLU A 172 4.05 9.40 -12.85
CA GLU A 172 3.72 8.06 -13.33
C GLU A 172 2.24 7.98 -13.76
N GLY A 173 1.98 7.36 -14.90
CA GLY A 173 0.63 7.07 -15.33
C GLY A 173 -0.09 8.16 -16.12
N VAL A 174 0.52 9.34 -16.24
CA VAL A 174 -0.05 10.38 -17.09
C VAL A 174 0.05 9.98 -18.56
N LYS A 176 1.01 7.19 -21.72
CA LYS A 176 0.98 5.74 -21.99
C LYS A 176 2.36 5.29 -22.43
N LYS A 177 2.70 4.03 -22.15
CA LYS A 177 3.99 3.50 -22.57
C LYS A 177 3.81 2.44 -23.66
N GLU A 178 4.68 2.45 -24.65
CA GLU A 178 4.49 1.64 -25.85
C GLU A 178 5.73 1.61 -26.70
N ILE A 179 6.33 0.43 -26.86
CA ILE A 179 7.55 0.32 -27.67
C ILE A 179 7.28 0.57 -29.16
N VAL A 180 8.36 0.89 -29.87
CA VAL A 180 8.31 1.01 -31.33
C VAL A 180 8.50 -0.36 -31.98
N SER A 181 9.53 -1.08 -31.51
CA SER A 181 9.89 -2.39 -32.03
C SER A 181 10.96 -3.01 -31.15
N PRO A 182 10.86 -4.32 -30.89
CA PRO A 182 11.87 -5.01 -30.09
C PRO A 182 13.19 -5.03 -30.84
N ALA A 183 13.14 -4.73 -32.14
CA ALA A 183 14.35 -4.66 -32.94
C ALA A 183 14.64 -3.26 -33.45
N TYR A 184 14.36 -2.26 -32.61
CA TYR A 184 14.76 -0.88 -32.90
C TYR A 184 16.24 -0.74 -32.62
N GLN A 185 16.99 -0.17 -33.55
CA GLN A 185 18.44 -0.06 -33.36
C GLN A 185 18.87 1.37 -32.99
N GLY A 186 19.89 1.48 -32.14
CA GLY A 186 20.41 2.78 -31.75
C GLY A 186 21.71 2.67 -30.99
N GLU A 187 22.57 3.68 -31.10
CA GLU A 187 23.89 3.71 -30.46
C GLU A 187 23.81 3.60 -28.94
N VAL A 188 24.73 2.85 -28.36
CA VAL A 188 24.84 2.70 -26.92
C VAL A 188 26.25 3.12 -26.49
N ILE A 189 26.41 4.35 -26.02
CA ILE A 189 27.72 4.81 -25.53
C ILE A 189 27.88 4.51 -24.04
N ARG A 190 28.97 3.84 -23.68
CA ARG A 190 29.27 3.58 -22.28
C ARG A 190 30.36 4.52 -21.79
N HIS A 191 29.94 5.63 -21.19
CA HIS A 191 30.84 6.74 -20.90
C HIS A 191 31.84 6.43 -19.79
N ASP A 192 32.92 7.20 -19.77
CA ASP A 192 33.83 7.16 -18.64
C ASP A 192 33.20 7.97 -17.49
N VAL A 193 32.84 7.28 -16.42
CA VAL A 193 32.15 7.91 -15.30
C VAL A 193 33.03 8.94 -14.57
N LYS A 194 34.16 8.52 -14.02
CA LYS A 194 34.99 9.42 -13.21
C LYS A 194 35.13 10.82 -13.80
N LYS A 195 35.31 10.91 -15.11
CA LYS A 195 35.49 12.19 -15.78
C LYS A 195 34.24 13.09 -15.73
N TYR A 196 33.06 12.48 -15.56
CA TYR A 196 31.81 13.24 -15.48
C TYR A 196 31.43 13.64 -14.04
N VAL A 197 32.11 13.04 -13.06
CA VAL A 197 31.70 13.14 -11.67
C VAL A 197 32.78 13.80 -10.82
N ALA A 198 34.02 13.72 -11.27
CA ALA A 198 35.16 14.20 -10.50
C ALA A 198 35.14 15.71 -10.37
N ASP A 199 34.29 16.36 -11.16
N ASP A 199 34.29 16.36 -11.16
CA ASP A 199 34.07 17.79 -11.04
C ASP A 199 33.76 18.19 -9.61
C ASP A 199 33.76 18.19 -9.61
N THR A 200 32.73 17.56 -9.03
CA THR A 200 32.17 18.01 -7.76
C THR A 200 33.25 18.07 -6.67
N ASP A 201 33.21 19.14 -5.89
CA ASP A 201 34.20 19.34 -4.83
C ASP A 201 33.62 19.03 -3.46
N TYR A 202 33.84 17.80 -2.99
CA TYR A 202 33.19 17.31 -1.80
C TYR A 202 34.06 16.31 -1.05
N VAL A 203 34.84 16.78 -0.08
CA VAL A 203 35.70 15.86 0.67
C VAL A 203 35.27 15.60 2.12
N VAL A 204 35.46 14.35 2.53
CA VAL A 204 35.08 13.84 3.84
C VAL A 204 36.32 13.74 4.71
N LYS A 205 36.31 14.39 5.87
CA LYS A 205 37.46 14.38 6.75
C LYS A 205 37.19 13.58 8.01
N VAL A 206 38.23 12.92 8.53
CA VAL A 206 38.19 12.25 9.82
C VAL A 206 38.94 13.04 10.90
N ILE A 207 38.21 13.76 11.75
CA ILE A 207 38.84 14.63 12.74
C ILE A 207 38.54 14.27 14.21
N ALA B 3 -41.49 10.25 -18.30
CA ALA B 3 -41.88 11.58 -17.82
C ALA B 3 -40.83 12.11 -16.86
N ASN B 4 -40.61 11.38 -15.78
CA ASN B 4 -39.58 11.72 -14.81
C ASN B 4 -38.70 10.51 -14.59
N ASN B 5 -37.51 10.54 -15.16
CA ASN B 5 -36.70 9.34 -15.22
C ASN B 5 -35.49 9.30 -14.27
N LEU B 6 -34.71 8.22 -14.39
CA LEU B 6 -33.56 7.99 -13.54
C LEU B 6 -32.30 8.18 -14.37
N PHE B 7 -31.45 9.11 -13.97
CA PHE B 7 -30.23 9.40 -14.71
C PHE B 7 -29.01 8.89 -13.97
N VAL B 8 -28.03 8.44 -14.74
CA VAL B 8 -26.75 8.05 -14.19
C VAL B 8 -25.69 8.79 -14.97
N TYR B 9 -24.81 9.49 -14.26
CA TYR B 9 -23.69 10.17 -14.88
C TYR B 9 -22.56 9.18 -15.06
N CYS B 10 -22.13 9.00 -16.31
CA CYS B 10 -21.09 8.03 -16.63
C CYS B 10 -19.74 8.70 -16.73
N GLU B 11 -18.83 8.34 -15.83
CA GLU B 11 -17.53 8.98 -15.77
C GLU B 11 -16.59 8.35 -16.79
N ILE B 12 -15.84 9.21 -17.47
CA ILE B 12 -14.95 8.80 -18.54
C ILE B 12 -13.47 8.98 -18.18
N GLU B 13 -12.70 7.91 -18.28
CA GLU B 13 -11.25 7.99 -18.08
C GLU B 13 -10.54 7.30 -19.23
N GLU B 14 -9.74 8.08 -19.96
CA GLU B 14 -9.04 7.57 -21.14
C GLU B 14 -9.99 6.77 -22.05
N GLY B 15 -11.10 7.38 -22.46
CA GLY B 15 -11.98 6.79 -23.44
C GLY B 15 -12.87 5.67 -22.92
N ILE B 16 -12.60 5.22 -21.70
CA ILE B 16 -13.37 4.12 -21.10
C ILE B 16 -14.28 4.58 -19.95
N VAL B 17 -15.53 4.11 -19.98
CA VAL B 17 -16.47 4.38 -18.89
C VAL B 17 -16.06 3.60 -17.64
N ALA B 18 -16.02 4.31 -16.51
CA ALA B 18 -15.52 3.72 -15.27
C ALA B 18 -16.40 2.58 -14.74
N ASP B 19 -15.77 1.63 -14.05
CA ASP B 19 -16.46 0.49 -13.47
C ASP B 19 -17.62 0.92 -12.56
N VAL B 20 -17.36 1.83 -11.63
CA VAL B 20 -18.39 2.31 -10.71
C VAL B 20 -19.59 2.84 -11.49
N SER B 21 -19.32 3.48 -12.62
CA SER B 21 -20.40 3.96 -13.48
C SER B 21 -21.24 2.81 -14.05
N LEU B 22 -20.59 1.74 -14.49
CA LEU B 22 -21.33 0.60 -15.02
C LEU B 22 -22.11 -0.04 -13.88
N GLU B 23 -21.50 -0.13 -12.69
CA GLU B 23 -22.21 -0.67 -11.54
C GLU B 23 -23.50 0.09 -11.27
N LEU B 24 -23.48 1.40 -11.52
CA LEU B 24 -24.63 2.26 -11.26
C LEU B 24 -25.67 2.25 -12.38
N LEU B 25 -25.21 1.97 -13.60
CA LEU B 25 -26.13 1.69 -14.70
C LEU B 25 -26.96 0.45 -14.35
N THR B 26 -26.27 -0.57 -13.82
CA THR B 26 -26.92 -1.81 -13.43
C THR B 26 -27.95 -1.56 -12.33
N LYS B 27 -27.52 -0.89 -11.26
CA LYS B 27 -28.41 -0.56 -10.16
C LYS B 27 -29.55 0.35 -10.61
N GLY B 28 -29.22 1.32 -11.47
CA GLY B 28 -30.22 2.20 -12.04
C GLY B 28 -31.30 1.46 -12.78
N ARG B 29 -30.90 0.41 -13.52
CA ARG B 29 -31.82 -0.45 -14.26
C ARG B 29 -32.84 -1.10 -13.31
N SER B 30 -32.35 -1.74 -12.25
CA SER B 30 -33.20 -2.34 -11.23
C SER B 30 -34.19 -1.34 -10.67
N LEU B 31 -33.68 -0.18 -10.26
CA LEU B 31 -34.52 0.85 -9.69
C LEU B 31 -35.53 1.33 -10.71
N ALA B 32 -35.07 1.61 -11.92
CA ALA B 32 -35.95 2.04 -12.99
C ALA B 32 -37.07 1.01 -13.26
N ASN B 33 -36.72 -0.28 -13.21
CA ASN B 33 -37.72 -1.34 -13.33
C ASN B 33 -38.82 -1.19 -12.29
N GLU B 34 -38.42 -0.89 -11.07
CA GLU B 34 -39.34 -0.83 -9.94
C GLU B 34 -40.22 0.42 -10.04
N LEU B 35 -39.63 1.50 -10.56
CA LEU B 35 -40.34 2.77 -10.71
C LEU B 35 -41.15 2.81 -12.00
N ASN B 36 -40.98 1.81 -12.85
CA ASN B 36 -41.56 1.87 -14.19
C ASN B 36 -41.27 3.22 -14.82
N CYS B 37 -39.99 3.52 -15.00
CA CYS B 37 -39.57 4.73 -15.69
C CYS B 37 -38.39 4.35 -16.54
N GLN B 38 -37.80 5.33 -17.22
CA GLN B 38 -36.69 5.01 -18.10
C GLN B 38 -35.34 5.19 -17.43
N LEU B 39 -34.33 4.52 -17.96
CA LEU B 39 -32.98 4.68 -17.48
C LEU B 39 -32.23 5.51 -18.50
N GLU B 40 -31.77 6.69 -18.08
CA GLU B 40 -31.03 7.55 -18.98
C GLU B 40 -29.62 7.76 -18.45
N ALA B 41 -28.69 7.99 -19.35
CA ALA B 41 -27.30 8.12 -18.97
C ALA B 41 -26.78 9.40 -19.57
N VAL B 42 -25.78 9.98 -18.93
CA VAL B 42 -25.07 11.13 -19.49
C VAL B 42 -23.59 10.82 -19.51
N VAL B 43 -22.96 11.17 -20.63
CA VAL B 43 -21.52 11.00 -20.76
C VAL B 43 -20.96 12.27 -21.41
N ALA B 44 -19.85 12.79 -20.88
CA ALA B 44 -19.26 14.00 -21.41
C ALA B 44 -17.75 13.89 -21.56
N GLY B 45 -17.27 14.11 -22.76
CA GLY B 45 -15.86 13.94 -23.06
C GLY B 45 -15.58 14.29 -24.51
N THR B 46 -14.49 13.76 -25.03
CA THR B 46 -14.05 14.10 -26.37
C THR B 46 -13.80 12.83 -27.18
N GLY B 47 -14.36 12.80 -28.38
CA GLY B 47 -14.21 11.65 -29.28
C GLY B 47 -15.00 10.44 -28.85
N LEU B 48 -16.31 10.58 -28.84
CA LEU B 48 -17.20 9.56 -28.30
C LEU B 48 -18.10 8.95 -29.37
N LYS B 49 -17.50 8.45 -30.44
CA LYS B 49 -18.24 7.88 -31.56
C LYS B 49 -18.92 6.56 -31.20
N GLU B 50 -18.15 5.64 -30.63
CA GLU B 50 -18.67 4.33 -30.31
C GLU B 50 -18.89 4.19 -28.81
N ILE B 51 -19.33 5.28 -28.19
CA ILE B 51 -19.50 5.28 -26.74
C ILE B 51 -20.75 4.48 -26.32
N GLU B 52 -21.81 4.53 -27.12
CA GLU B 52 -23.04 3.76 -26.83
C GLU B 52 -22.73 2.30 -26.53
N LYS B 53 -21.63 1.80 -27.10
CA LYS B 53 -21.34 0.39 -27.03
C LYS B 53 -20.86 -0.08 -25.67
N GLN B 54 -20.37 0.84 -24.84
CA GLN B 54 -20.02 0.47 -23.48
C GLN B 54 -21.19 0.67 -22.52
N ILE B 55 -22.26 1.31 -23.01
CA ILE B 55 -23.30 1.79 -22.13
C ILE B 55 -24.67 1.12 -22.36
N LEU B 56 -25.14 1.13 -23.60
CA LEU B 56 -26.47 0.60 -23.94
C LEU B 56 -26.78 -0.85 -23.47
N PRO B 57 -25.78 -1.75 -23.51
CA PRO B 57 -26.08 -3.11 -23.05
C PRO B 57 -26.62 -3.21 -21.62
N TYR B 58 -26.41 -2.17 -20.83
CA TYR B 58 -26.79 -2.20 -19.41
C TYR B 58 -28.26 -1.89 -19.19
N GLY B 59 -28.95 -1.55 -20.27
CA GLY B 59 -30.37 -1.34 -20.20
C GLY B 59 -30.73 0.13 -20.27
N VAL B 60 -29.87 0.91 -20.93
CA VAL B 60 -30.07 2.35 -21.03
C VAL B 60 -31.01 2.74 -22.17
N ASP B 61 -32.14 3.30 -21.82
CA ASP B 61 -33.14 3.71 -22.79
C ASP B 61 -32.72 4.93 -23.63
N LYS B 62 -31.99 5.84 -23.01
CA LYS B 62 -31.67 7.12 -23.61
C LYS B 62 -30.29 7.57 -23.13
N LEU B 63 -29.32 7.68 -24.04
CA LEU B 63 -27.98 8.11 -23.67
C LEU B 63 -27.68 9.49 -24.23
N HIS B 64 -27.29 10.42 -23.35
CA HIS B 64 -27.02 11.79 -23.75
C HIS B 64 -25.53 12.02 -23.88
N VAL B 65 -25.10 12.40 -25.08
CA VAL B 65 -23.67 12.47 -25.36
C VAL B 65 -23.23 13.90 -25.59
N PHE B 66 -22.27 14.34 -24.78
CA PHE B 66 -21.71 15.67 -24.94
C PHE B 66 -20.24 15.53 -25.34
N ASP B 67 -19.99 15.71 -26.64
CA ASP B 67 -18.68 15.51 -27.22
C ASP B 67 -18.12 16.85 -27.70
N ALA B 68 -17.05 17.30 -27.04
CA ALA B 68 -16.41 18.56 -27.35
C ALA B 68 -14.99 18.50 -26.83
N GLU B 69 -14.07 19.26 -27.45
CA GLU B 69 -12.65 19.09 -27.15
C GLU B 69 -12.22 19.52 -25.73
N GLY B 70 -12.99 20.38 -25.09
CA GLY B 70 -12.65 20.87 -23.76
C GLY B 70 -13.35 20.16 -22.62
N LEU B 71 -14.02 19.05 -22.92
CA LEU B 71 -14.75 18.29 -21.90
C LEU B 71 -13.89 17.23 -21.24
N TYR B 72 -12.74 16.94 -21.82
CA TYR B 72 -11.79 16.00 -21.25
C TYR B 72 -10.38 16.58 -21.28
N PRO B 73 -9.65 16.53 -20.15
CA PRO B 73 -10.11 16.00 -18.86
C PRO B 73 -11.23 16.81 -18.21
N TYR B 74 -11.74 16.25 -17.13
CA TYR B 74 -12.80 16.86 -16.35
C TYR B 74 -12.38 18.21 -15.78
N THR B 75 -13.24 19.21 -15.93
CA THR B 75 -13.15 20.45 -15.15
C THR B 75 -14.55 20.79 -14.66
N SER B 76 -14.63 21.45 -13.51
CA SER B 76 -15.88 21.48 -12.77
C SER B 76 -17.00 22.24 -13.47
N LEU B 77 -16.65 23.38 -14.06
CA LEU B 77 -17.67 24.27 -14.59
C LEU B 77 -18.42 23.69 -15.80
N PRO B 78 -17.68 23.18 -16.80
CA PRO B 78 -18.29 22.55 -17.98
C PRO B 78 -19.22 21.40 -17.64
N HIS B 79 -18.72 20.41 -16.90
CA HIS B 79 -19.55 19.27 -16.54
C HIS B 79 -20.71 19.67 -15.68
N THR B 80 -20.49 20.60 -14.75
CA THR B 80 -21.55 21.06 -13.87
C THR B 80 -22.69 21.70 -14.63
N SER B 81 -22.36 22.65 -15.52
CA SER B 81 -23.38 23.36 -16.28
C SER B 81 -24.15 22.42 -17.22
N ILE B 82 -23.46 21.41 -17.76
CA ILE B 82 -24.11 20.41 -18.59
C ILE B 82 -25.20 19.66 -17.84
N LEU B 83 -24.85 19.08 -16.69
CA LEU B 83 -25.84 18.41 -15.86
C LEU B 83 -26.95 19.36 -15.42
N VAL B 84 -26.57 20.53 -14.92
CA VAL B 84 -27.58 21.47 -14.40
C VAL B 84 -28.58 21.85 -15.47
N ASN B 85 -28.08 22.11 -16.68
CA ASN B 85 -28.93 22.53 -17.76
C ASN B 85 -29.80 21.40 -18.30
N LEU B 86 -29.20 20.24 -18.48
CA LEU B 86 -29.92 19.05 -18.94
C LEU B 86 -31.00 18.66 -17.94
N PHE B 87 -30.67 18.73 -16.65
CA PHE B 87 -31.62 18.32 -15.64
C PHE B 87 -32.75 19.33 -15.50
N LYS B 88 -32.49 20.57 -15.92
CA LYS B 88 -33.53 21.60 -15.86
C LYS B 88 -34.62 21.31 -16.89
N GLU B 89 -34.20 20.80 -18.05
CA GLU B 89 -35.14 20.39 -19.09
C GLU B 89 -35.79 19.03 -18.78
N GLU B 90 -34.97 18.03 -18.50
CA GLU B 90 -35.45 16.65 -18.31
C GLU B 90 -36.13 16.37 -16.96
N GLN B 91 -35.84 17.19 -15.96
CA GLN B 91 -36.47 17.07 -14.64
C GLN B 91 -36.42 15.65 -14.08
N PRO B 92 -35.21 15.05 -14.06
CA PRO B 92 -35.06 13.69 -13.56
C PRO B 92 -35.61 13.59 -12.17
N GLN B 93 -36.18 12.45 -11.79
CA GLN B 93 -36.57 12.28 -10.41
C GLN B 93 -35.39 11.76 -9.59
N ILE B 94 -34.42 11.14 -10.28
CA ILE B 94 -33.26 10.56 -9.63
C ILE B 94 -31.97 10.74 -10.44
N CYS B 95 -30.86 10.99 -9.75
CA CYS B 95 -29.56 10.99 -10.40
C CYS B 95 -28.52 10.29 -9.52
N LEU B 96 -27.80 9.35 -10.12
CA LEU B 96 -26.75 8.62 -9.43
C LEU B 96 -25.39 8.87 -10.09
N GLY B 98 -20.83 7.98 -9.36
CA GLY B 98 -19.77 7.36 -8.58
C GLY B 98 -19.18 8.28 -7.54
N ALA B 99 -18.98 7.72 -6.35
CA ALA B 99 -18.27 8.39 -5.26
C ALA B 99 -16.80 8.32 -5.60
N THR B 100 -16.43 9.06 -6.64
CA THR B 100 -15.05 9.18 -7.09
C THR B 100 -14.52 10.57 -6.76
N VAL B 101 -13.33 10.89 -7.24
CA VAL B 101 -12.82 12.25 -7.08
C VAL B 101 -13.71 13.22 -7.86
N ILE B 102 -14.13 12.82 -9.06
CA ILE B 102 -15.02 13.63 -9.86
C ILE B 102 -16.40 13.74 -9.21
N GLY B 103 -16.88 12.62 -8.67
CA GLY B 103 -18.14 12.65 -7.97
C GLY B 103 -18.13 13.59 -6.78
N ARG B 104 -17.05 13.54 -6.02
CA ARG B 104 -16.92 14.35 -4.84
C ARG B 104 -16.85 15.83 -5.19
N ASP B 105 -16.55 16.14 -6.44
CA ASP B 105 -16.61 17.53 -6.90
C ASP B 105 -17.93 17.87 -7.58
N LEU B 106 -18.31 17.08 -8.57
CA LEU B 106 -19.46 17.36 -9.40
C LEU B 106 -20.78 17.32 -8.61
N GLY B 107 -20.90 16.35 -7.71
CA GLY B 107 -22.13 16.16 -6.96
C GLY B 107 -22.61 17.42 -6.26
N PRO B 108 -21.80 17.94 -5.32
CA PRO B 108 -22.10 19.16 -4.55
C PRO B 108 -22.44 20.36 -5.41
N ARG B 109 -21.70 20.57 -6.49
CA ARG B 109 -22.03 21.70 -7.36
C ARG B 109 -23.39 21.54 -8.01
N VAL B 110 -23.62 20.41 -8.68
CA VAL B 110 -24.90 20.18 -9.37
C VAL B 110 -26.09 20.23 -8.40
N SER B 111 -25.99 19.56 -7.25
CA SER B 111 -27.06 19.61 -6.26
C SER B 111 -27.34 21.03 -5.73
N SER B 112 -26.28 21.79 -5.47
CA SER B 112 -26.44 23.17 -5.00
C SER B 112 -27.14 24.04 -6.05
N ALA B 113 -26.79 23.81 -7.31
CA ALA B 113 -27.34 24.61 -8.41
C ALA B 113 -28.79 24.27 -8.69
N LEU B 114 -29.19 23.03 -8.38
CA LEU B 114 -30.56 22.60 -8.60
C LEU B 114 -31.34 22.67 -7.29
N THR B 115 -30.69 23.21 -6.26
CA THR B 115 -31.27 23.27 -4.92
C THR B 115 -31.94 21.92 -4.61
N SER B 116 -31.12 20.87 -4.63
CA SER B 116 -31.60 19.51 -4.41
C SER B 116 -30.77 18.82 -3.34
N GLY B 117 -31.17 17.61 -3.00
CA GLY B 117 -30.45 16.81 -2.03
C GLY B 117 -29.30 16.02 -2.64
N LEU B 118 -28.50 15.41 -1.76
CA LEU B 118 -27.36 14.59 -2.16
C LEU B 118 -26.89 13.77 -0.97
N THR B 119 -26.98 12.45 -1.05
CA THR B 119 -26.39 11.61 -0.02
C THR B 119 -25.16 10.93 -0.59
N ALA B 120 -24.00 11.21 -0.01
CA ALA B 120 -22.78 10.66 -0.53
C ALA B 120 -22.47 9.32 0.09
N ASP B 121 -21.79 8.46 -0.68
CA ASP B 121 -21.32 7.17 -0.19
C ASP B 121 -22.47 6.32 0.32
N CYS B 122 -23.59 6.31 -0.41
CA CYS B 122 -24.66 5.38 -0.13
C CYS B 122 -24.19 3.96 -0.30
N THR B 123 -24.69 3.11 0.57
CA THR B 123 -24.23 1.74 0.71
C THR B 123 -25.29 0.78 0.18
N SER B 124 -26.52 1.27 0.07
CA SER B 124 -27.64 0.55 -0.54
C SER B 124 -28.62 1.55 -1.11
N LEU B 125 -29.31 1.16 -2.18
CA LEU B 125 -30.36 2.00 -2.74
C LEU B 125 -31.63 1.18 -2.93
N GLU B 126 -32.73 1.64 -2.35
CA GLU B 126 -34.00 0.97 -2.48
C GLU B 126 -35.07 1.96 -2.92
N ILE B 127 -36.27 1.45 -3.19
CA ILE B 127 -37.41 2.30 -3.46
C ILE B 127 -38.42 2.11 -2.36
N GLY B 128 -38.92 3.20 -1.80
CA GLY B 128 -39.82 3.12 -0.66
C GLY B 128 -40.63 4.37 -0.44
N ASP B 129 -41.55 4.30 0.52
CA ASP B 129 -42.42 5.42 0.80
C ASP B 129 -42.01 6.10 2.10
N HIS B 130 -42.55 7.29 2.32
CA HIS B 130 -42.36 7.98 3.58
C HIS B 130 -43.62 8.71 3.98
N GLU B 131 -44.17 8.33 5.14
CA GLU B 131 -45.36 8.98 5.67
C GLU B 131 -45.01 10.12 6.61
N ASP B 132 -45.39 11.34 6.21
CA ASP B 132 -45.23 12.50 7.06
C ASP B 132 -46.44 12.68 7.97
N LYS B 133 -46.33 12.24 9.21
CA LYS B 133 -47.43 12.32 10.17
C LYS B 133 -47.81 13.77 10.45
N LYS B 134 -46.85 14.67 10.26
CA LYS B 134 -47.00 16.06 10.69
C LYS B 134 -47.99 16.81 9.81
N GLU B 135 -47.77 16.75 8.49
CA GLU B 135 -48.70 17.32 7.53
C GLU B 135 -49.67 16.25 7.01
N GLY B 136 -49.50 15.03 7.50
CA GLY B 136 -50.48 13.97 7.26
C GLY B 136 -50.56 13.56 5.81
N LYS B 137 -49.40 13.30 5.21
CA LYS B 137 -49.32 12.89 3.81
C LYS B 137 -48.37 11.71 3.63
N VAL B 138 -48.56 10.98 2.55
CA VAL B 138 -47.72 9.82 2.24
C VAL B 138 -46.98 10.00 0.92
N TYR B 139 -45.65 10.04 1.01
CA TYR B 139 -44.81 10.16 -0.18
C TYR B 139 -44.48 8.78 -0.69
N LYS B 140 -44.78 8.53 -1.95
CA LYS B 140 -44.62 7.19 -2.50
C LYS B 140 -43.50 7.11 -3.52
N ASN B 141 -42.75 6.00 -3.47
CA ASN B 141 -41.69 5.73 -4.45
C ASN B 141 -40.54 6.69 -4.39
N LEU B 142 -40.07 6.94 -3.18
CA LEU B 142 -38.91 7.79 -2.98
C LEU B 142 -37.66 6.93 -3.09
N LEU B 143 -36.55 7.55 -3.41
CA LEU B 143 -35.28 6.83 -3.36
C LEU B 143 -34.78 6.75 -1.92
N TYR B 144 -34.68 5.53 -1.40
CA TYR B 144 -34.07 5.28 -0.10
C TYR B 144 -32.56 5.32 -0.21
N GLN B 145 -31.95 6.31 0.43
CA GLN B 145 -30.51 6.46 0.40
C GLN B 145 -29.91 5.92 1.70
N ILE B 146 -29.34 4.73 1.60
CA ILE B 146 -28.99 3.93 2.78
C ILE B 146 -27.48 3.89 3.05
N ARG B 147 -27.09 4.15 4.28
CA ARG B 147 -25.68 4.07 4.67
C ARG B 147 -25.52 4.11 6.19
N PRO B 148 -24.32 3.77 6.66
CA PRO B 148 -23.97 3.92 8.08
C PRO B 148 -24.09 5.39 8.49
N ALA B 149 -24.42 5.62 9.76
CA ALA B 149 -24.73 6.96 10.22
C ALA B 149 -24.45 7.10 11.71
N PHE B 150 -24.45 8.34 12.19
CA PHE B 150 -24.23 8.66 13.60
C PHE B 150 -22.99 7.98 14.18
N GLY B 151 -21.83 8.20 13.56
CA GLY B 151 -20.60 7.59 14.00
C GLY B 151 -20.53 6.08 13.77
N GLY B 152 -21.23 5.62 12.72
CA GLY B 152 -21.36 4.21 12.45
C GLY B 152 -22.02 3.43 13.57
N ASN B 153 -23.14 3.94 14.08
CA ASN B 153 -23.88 3.21 15.11
C ASN B 153 -24.94 2.30 14.52
N ILE B 154 -25.58 2.76 13.45
CA ILE B 154 -26.61 2.02 12.77
C ILE B 154 -26.58 2.33 11.29
N VAL B 155 -27.31 1.54 10.50
CA VAL B 155 -27.51 1.83 9.07
C VAL B 155 -28.84 2.55 8.89
N ALA B 156 -28.79 3.82 8.50
CA ALA B 156 -30.00 4.64 8.39
C ALA B 156 -30.38 4.90 6.95
N THR B 157 -31.61 5.37 6.76
CA THR B 157 -32.10 5.68 5.43
C THR B 157 -32.45 7.16 5.33
N ILE B 158 -31.99 7.82 4.27
CA ILE B 158 -32.34 9.22 4.04
C ILE B 158 -33.28 9.36 2.86
N VAL B 159 -34.26 10.25 3.00
CA VAL B 159 -35.18 10.54 1.91
C VAL B 159 -35.33 12.04 1.68
N ASN B 160 -35.48 12.41 0.42
CA ASN B 160 -35.79 13.78 0.04
C ASN B 160 -37.19 13.82 -0.53
N PRO B 161 -38.18 14.01 0.35
CA PRO B 161 -39.60 13.92 -0.01
C PRO B 161 -40.00 14.83 -1.17
N GLU B 162 -39.38 15.99 -1.31
CA GLU B 162 -39.83 16.95 -2.30
C GLU B 162 -38.79 17.44 -3.32
N HIS B 163 -37.57 17.64 -2.87
CA HIS B 163 -36.54 18.16 -3.74
C HIS B 163 -36.10 17.14 -4.81
N ARG B 164 -35.99 17.61 -6.04
CA ARG B 164 -35.59 16.79 -7.18
C ARG B 164 -34.44 17.49 -7.89
N PRO B 165 -33.49 16.72 -8.44
CA PRO B 165 -33.51 15.26 -8.38
C PRO B 165 -33.09 14.78 -7.00
N GLN B 166 -33.48 13.56 -6.65
CA GLN B 166 -32.91 12.89 -5.49
C GLN B 166 -31.58 12.32 -5.96
N ALA B 168 -27.54 10.72 -5.32
CA ALA B 168 -26.77 9.86 -4.43
C ALA B 168 -25.52 9.36 -5.13
N THR B 169 -24.48 9.13 -4.33
CA THR B 169 -23.25 8.60 -4.88
C THR B 169 -22.96 7.27 -4.22
N VAL B 170 -22.21 6.42 -4.89
CA VAL B 170 -21.87 5.11 -4.36
C VAL B 170 -20.43 4.83 -4.74
N ARG B 171 -19.70 4.21 -3.81
CA ARG B 171 -18.30 3.87 -4.03
C ARG B 171 -18.19 2.72 -5.04
N GLU B 172 -17.02 2.55 -5.64
CA GLU B 172 -16.78 1.46 -6.57
C GLU B 172 -16.76 0.18 -5.77
N GLY B 173 -17.35 -0.87 -6.34
CA GLY B 173 -17.34 -2.18 -5.72
C GLY B 173 -18.52 -2.48 -4.81
N VAL B 174 -19.32 -1.46 -4.51
CA VAL B 174 -20.49 -1.68 -3.69
C VAL B 174 -21.59 -2.42 -4.47
N LYS B 176 -22.98 -4.61 -7.88
CA LYS B 176 -22.54 -5.51 -8.94
C LYS B 176 -22.88 -4.89 -10.29
N LYS B 177 -22.08 -5.18 -11.32
CA LYS B 177 -22.44 -4.77 -12.67
C LYS B 177 -22.86 -5.99 -13.48
N GLU B 178 -23.82 -5.79 -14.38
CA GLU B 178 -24.47 -6.85 -15.11
C GLU B 178 -25.29 -6.23 -16.23
N ILE B 179 -25.06 -6.67 -17.47
CA ILE B 179 -25.80 -6.15 -18.61
C ILE B 179 -27.18 -6.78 -18.72
N VAL B 180 -28.04 -6.17 -19.52
CA VAL B 180 -29.34 -6.74 -19.80
C VAL B 180 -29.24 -7.70 -20.98
N SER B 181 -28.61 -7.20 -22.05
CA SER B 181 -28.46 -7.93 -23.30
C SER B 181 -27.47 -7.13 -24.15
N PRO B 182 -26.49 -7.82 -24.76
CA PRO B 182 -25.49 -7.11 -25.56
C PRO B 182 -26.12 -6.32 -26.70
N ALA B 183 -27.38 -6.64 -27.00
CA ALA B 183 -28.09 -5.99 -28.09
C ALA B 183 -29.18 -5.06 -27.61
N TYR B 184 -29.08 -4.60 -26.36
CA TYR B 184 -30.11 -3.72 -25.81
C TYR B 184 -30.24 -2.47 -26.68
N GLN B 185 -31.48 -2.09 -26.98
CA GLN B 185 -31.72 -0.98 -27.88
C GLN B 185 -32.06 0.30 -27.14
N GLY B 186 -31.32 1.35 -27.43
CA GLY B 186 -31.50 2.62 -26.75
C GLY B 186 -31.22 3.81 -27.64
N GLU B 187 -31.95 4.89 -27.40
CA GLU B 187 -31.82 6.10 -28.21
C GLU B 187 -30.61 6.93 -27.82
N VAL B 188 -29.71 7.14 -28.78
CA VAL B 188 -28.51 7.93 -28.54
C VAL B 188 -28.67 9.35 -29.05
N ILE B 189 -28.45 10.32 -28.17
CA ILE B 189 -28.66 11.72 -28.47
C ILE B 189 -27.34 12.49 -28.37
N ARG B 190 -26.85 12.99 -29.50
CA ARG B 190 -25.63 13.79 -29.49
C ARG B 190 -25.96 15.29 -29.52
N HIS B 191 -25.88 15.92 -28.35
CA HIS B 191 -26.27 17.32 -28.19
C HIS B 191 -25.24 18.31 -28.73
N ASP B 192 -25.68 19.52 -29.02
CA ASP B 192 -24.77 20.64 -29.26
C ASP B 192 -24.25 21.21 -27.94
N VAL B 193 -22.99 20.90 -27.62
CA VAL B 193 -22.40 21.30 -26.36
C VAL B 193 -22.57 22.80 -26.12
N LYS B 194 -22.45 23.58 -27.19
CA LYS B 194 -22.63 25.02 -27.10
C LYS B 194 -23.83 25.39 -26.25
N LYS B 195 -24.93 24.67 -26.44
CA LYS B 195 -26.21 25.06 -25.88
C LYS B 195 -26.32 24.68 -24.41
N TYR B 196 -25.32 23.96 -23.92
CA TYR B 196 -25.38 23.35 -22.59
C TYR B 196 -24.20 23.80 -21.73
N VAL B 197 -23.04 23.95 -22.35
CA VAL B 197 -21.81 24.22 -21.61
C VAL B 197 -21.54 25.71 -21.38
N ALA B 198 -20.82 26.00 -20.30
CA ALA B 198 -20.50 27.38 -19.92
C ALA B 198 -19.02 27.73 -20.12
N ASP B 199 -18.77 28.81 -20.87
CA ASP B 199 -17.41 29.25 -21.21
C ASP B 199 -16.43 29.45 -20.03
N THR B 200 -15.14 29.58 -20.38
CA THR B 200 -14.04 29.54 -19.42
C THR B 200 -13.84 30.83 -18.64
N ASP B 201 -13.50 31.89 -19.38
CA ASP B 201 -13.32 33.25 -18.83
C ASP B 201 -12.41 33.28 -17.63
N TYR B 202 -11.17 32.85 -17.82
CA TYR B 202 -10.13 33.07 -16.83
C TYR B 202 -8.85 33.21 -17.60
N VAL B 203 -7.96 34.08 -17.15
CA VAL B 203 -6.70 34.22 -17.83
C VAL B 203 -5.63 34.23 -16.78
N VAL B 204 -4.58 33.46 -17.04
CA VAL B 204 -3.44 33.39 -16.14
C VAL B 204 -2.39 34.36 -16.66
N LYS B 205 -1.98 35.29 -15.81
CA LYS B 205 -1.02 36.31 -16.20
C LYS B 205 0.15 36.24 -15.24
N VAL B 206 1.28 36.81 -15.67
CA VAL B 206 2.32 37.19 -14.73
C VAL B 206 2.62 38.66 -15.01
N ILE B 207 2.24 39.52 -14.05
CA ILE B 207 2.34 40.97 -14.16
C ILE B 207 3.77 41.46 -13.92
N GLU B 208 4.25 42.33 -14.82
CA GLU B 208 5.64 42.80 -14.75
C GLU B 208 5.92 43.58 -13.46
N ARG B 209 5.05 44.52 -13.12
CA ARG B 209 5.26 45.37 -11.96
C ARG B 209 5.43 44.58 -10.65
N HIS B 210 5.06 43.30 -10.66
CA HIS B 210 5.18 42.46 -9.46
C HIS B 210 6.63 42.06 -9.21
N VAL B 211 7.50 42.44 -10.13
CA VAL B 211 8.90 42.07 -10.02
C VAL B 211 9.79 43.34 -10.03
N GLU B 212 9.14 44.51 -9.99
CA GLU B 212 9.82 45.79 -9.90
C GLU B 212 9.96 46.21 -8.45
N LYS B 213 11.18 46.59 -8.06
CA LYS B 213 11.43 46.96 -6.67
C LYS B 213 10.40 47.98 -6.15
N ALA B 214 9.91 47.73 -4.95
CA ALA B 214 8.95 48.62 -4.31
C ALA B 214 9.56 50.01 -4.10
N LYS B 215 8.78 51.04 -4.39
CA LYS B 215 9.22 52.42 -4.27
C LYS B 215 9.01 53.01 -2.87
N ASN B 216 9.90 53.93 -2.48
CA ASN B 216 9.84 54.57 -1.15
C ASN B 216 9.13 55.92 -1.18
N ALA C 3 41.62 -18.47 12.04
CA ALA C 3 41.21 -18.27 13.44
C ALA C 3 40.22 -17.12 13.56
N ASN C 4 40.19 -16.26 12.55
CA ASN C 4 39.28 -15.13 12.52
C ASN C 4 38.36 -15.22 11.32
N ASN C 5 37.15 -15.72 11.54
CA ASN C 5 36.26 -16.02 10.43
C ASN C 5 35.12 -15.04 10.27
N LEU C 6 34.23 -15.35 9.33
CA LEU C 6 33.12 -14.46 9.02
C LEU C 6 31.82 -15.13 9.45
N PHE C 7 31.07 -14.49 10.32
CA PHE C 7 29.84 -15.05 10.83
C PHE C 7 28.64 -14.40 10.19
N VAL C 8 27.55 -15.15 10.12
CA VAL C 8 26.30 -14.63 9.62
C VAL C 8 25.19 -15.09 10.54
N TYR C 9 24.40 -14.15 11.02
CA TYR C 9 23.27 -14.47 11.85
C TYR C 9 22.13 -14.86 10.93
N CYS C 10 21.59 -16.06 11.14
CA CYS C 10 20.48 -16.56 10.35
C CYS C 10 19.21 -16.39 11.13
N GLU C 11 18.37 -15.50 10.65
CA GLU C 11 17.11 -15.22 11.30
C GLU C 11 16.11 -16.31 10.93
N ILE C 12 15.40 -16.81 11.94
CA ILE C 12 14.40 -17.86 11.75
C ILE C 12 12.99 -17.30 11.92
N GLU C 13 12.09 -17.67 11.02
CA GLU C 13 10.67 -17.47 11.24
C GLU C 13 9.90 -18.74 10.94
N GLU C 14 9.39 -19.39 11.98
CA GLU C 14 8.61 -20.59 11.83
C GLU C 14 9.43 -21.68 11.16
N GLY C 15 10.60 -21.94 11.70
CA GLY C 15 11.43 -23.04 11.26
C GLY C 15 12.20 -22.75 9.98
N ILE C 16 11.87 -21.66 9.32
CA ILE C 16 12.51 -21.34 8.04
C ILE C 16 13.48 -20.16 8.11
N VAL C 17 14.70 -20.40 7.64
CA VAL C 17 15.70 -19.35 7.58
C VAL C 17 15.30 -18.30 6.55
N ALA C 18 15.36 -17.04 6.95
CA ALA C 18 14.84 -15.94 6.14
C ALA C 18 15.60 -15.72 4.83
N ASP C 19 14.89 -15.22 3.82
CA ASP C 19 15.53 -14.92 2.54
C ASP C 19 16.73 -13.99 2.65
N VAL C 20 16.63 -12.95 3.47
CA VAL C 20 17.77 -12.04 3.67
C VAL C 20 19.00 -12.76 4.25
N SER C 21 18.75 -13.70 5.15
CA SER C 21 19.85 -14.44 5.76
C SER C 21 20.58 -15.32 4.75
N LEU C 22 19.83 -15.94 3.84
CA LEU C 22 20.40 -16.78 2.77
C LEU C 22 21.20 -15.94 1.78
N GLU C 23 20.70 -14.75 1.50
CA GLU C 23 21.40 -13.80 0.65
C GLU C 23 22.76 -13.49 1.26
N LEU C 24 22.79 -13.26 2.57
CA LEU C 24 24.02 -12.92 3.29
C LEU C 24 24.99 -14.10 3.47
N LEU C 25 24.43 -15.32 3.56
CA LEU C 25 25.24 -16.54 3.46
C LEU C 25 26.01 -16.54 2.15
N THR C 26 25.28 -16.27 1.06
CA THR C 26 25.89 -16.19 -0.26
C THR C 26 26.97 -15.11 -0.33
N LYS C 27 26.62 -13.88 0.02
CA LYS C 27 27.59 -12.78 -0.04
C LYS C 27 28.76 -13.10 0.88
N GLY C 28 28.44 -13.66 2.05
CA GLY C 28 29.45 -14.02 3.02
C GLY C 28 30.42 -15.05 2.45
N ARG C 29 29.89 -16.03 1.72
CA ARG C 29 30.71 -17.02 1.04
C ARG C 29 31.76 -16.34 0.17
N SER C 30 31.32 -15.38 -0.65
CA SER C 30 32.21 -14.63 -1.55
C SER C 30 33.29 -13.92 -0.76
N LEU C 31 32.86 -13.16 0.24
CA LEU C 31 33.77 -12.41 1.09
C LEU C 31 34.78 -13.34 1.78
N ALA C 32 34.28 -14.36 2.46
CA ALA C 32 35.18 -15.33 3.08
C ALA C 32 36.15 -15.96 2.05
N ASN C 33 35.68 -16.18 0.82
CA ASN C 33 36.56 -16.65 -0.23
C ASN C 33 37.72 -15.69 -0.46
N GLU C 34 37.42 -14.39 -0.53
CA GLU C 34 38.46 -13.40 -0.81
C GLU C 34 39.34 -13.12 0.41
N LEU C 35 38.85 -13.48 1.58
CA LEU C 35 39.59 -13.26 2.82
C LEU C 35 40.37 -14.51 3.17
N ASN C 36 40.20 -15.55 2.38
CA ASN C 36 40.77 -16.86 2.71
C ASN C 36 40.50 -17.22 4.18
N CYS C 37 39.22 -17.24 4.53
CA CYS C 37 38.79 -17.65 5.87
C CYS C 37 37.51 -18.45 5.72
N GLN C 38 37.07 -19.10 6.79
CA GLN C 38 35.85 -19.90 6.71
C GLN C 38 34.59 -19.08 6.95
N LEU C 39 33.48 -19.59 6.42
CA LEU C 39 32.18 -19.01 6.66
C LEU C 39 31.53 -19.76 7.81
N GLU C 40 31.06 -19.02 8.81
CA GLU C 40 30.36 -19.64 9.93
C GLU C 40 28.98 -18.99 10.08
N ALA C 41 28.02 -19.76 10.56
CA ALA C 41 26.68 -19.24 10.73
C ALA C 41 26.16 -19.58 12.10
N VAL C 42 25.21 -18.78 12.55
CA VAL C 42 24.59 -18.94 13.86
C VAL C 42 23.09 -18.98 13.65
N VAL C 43 22.42 -19.91 14.29
CA VAL C 43 20.97 -19.99 14.20
C VAL C 43 20.44 -20.24 15.61
N ALA C 44 19.31 -19.60 15.97
CA ALA C 44 18.79 -19.68 17.33
C ALA C 44 17.26 -19.78 17.37
N GLY C 45 16.77 -20.86 17.95
CA GLY C 45 15.35 -21.11 17.99
C GLY C 45 14.99 -22.42 18.66
N THR C 46 13.85 -22.99 18.27
CA THR C 46 13.36 -24.24 18.83
C THR C 46 12.98 -25.18 17.71
N GLY C 47 13.39 -26.44 17.84
CA GLY C 47 13.03 -27.45 16.86
C GLY C 47 13.89 -27.34 15.62
N LEU C 48 15.20 -27.44 15.83
CA LEU C 48 16.18 -27.21 14.78
C LEU C 48 16.92 -28.50 14.40
N LYS C 49 16.23 -29.62 14.52
CA LYS C 49 16.86 -30.93 14.31
C LYS C 49 17.53 -31.02 12.94
N GLU C 50 16.90 -30.43 11.93
CA GLU C 50 17.43 -30.50 10.58
C GLU C 50 17.70 -29.13 9.94
N ILE C 51 17.85 -28.10 10.77
CA ILE C 51 18.04 -26.73 10.27
C ILE C 51 19.22 -26.64 9.30
N GLU C 52 20.25 -27.44 9.59
CA GLU C 52 21.46 -27.51 8.79
C GLU C 52 21.20 -27.77 7.29
N LYS C 53 20.03 -28.32 6.97
CA LYS C 53 19.70 -28.64 5.58
C LYS C 53 19.40 -27.41 4.72
N GLN C 54 18.86 -26.34 5.32
CA GLN C 54 18.64 -25.12 4.55
C GLN C 54 19.81 -24.14 4.63
N ILE C 55 20.85 -24.50 5.36
CA ILE C 55 21.97 -23.60 5.59
C ILE C 55 23.29 -24.06 4.94
N LEU C 56 23.68 -25.32 5.16
CA LEU C 56 24.99 -25.82 4.72
C LEU C 56 25.32 -25.66 3.22
N PRO C 57 24.33 -25.87 2.33
CA PRO C 57 24.57 -25.76 0.88
C PRO C 57 25.09 -24.42 0.40
N TYR C 58 24.94 -23.35 1.20
CA TYR C 58 25.39 -22.03 0.78
C TYR C 58 26.89 -21.87 0.99
N GLY C 59 27.52 -22.94 1.48
CA GLY C 59 28.96 -22.98 1.66
C GLY C 59 29.41 -22.65 3.08
N VAL C 60 28.57 -23.04 4.04
CA VAL C 60 28.78 -22.76 5.45
C VAL C 60 29.68 -23.82 6.06
N ASP C 61 30.88 -23.43 6.48
CA ASP C 61 31.86 -24.37 7.00
C ASP C 61 31.52 -24.84 8.40
N LYS C 62 30.90 -23.98 9.19
CA LYS C 62 30.58 -24.31 10.57
C LYS C 62 29.26 -23.65 10.96
N LEU C 63 28.34 -24.43 11.49
CA LEU C 63 27.03 -23.92 11.86
C LEU C 63 26.78 -24.12 13.34
N HIS C 64 26.70 -23.02 14.07
CA HIS C 64 26.46 -23.07 15.51
C HIS C 64 24.96 -23.03 15.77
N VAL C 65 24.45 -24.10 16.38
CA VAL C 65 23.01 -24.25 16.54
C VAL C 65 22.64 -24.10 18.00
N PHE C 66 21.70 -23.19 18.26
CA PHE C 66 21.20 -22.96 19.61
C PHE C 66 19.72 -23.30 19.66
N ASP C 67 19.41 -24.51 20.12
CA ASP C 67 18.05 -25.00 20.18
C ASP C 67 17.52 -25.03 21.61
N ALA C 68 16.57 -24.15 21.93
CA ALA C 68 16.01 -24.09 23.27
C ALA C 68 14.57 -23.59 23.20
N GLU C 69 13.73 -24.03 24.13
CA GLU C 69 12.31 -23.67 24.07
C GLU C 69 12.09 -22.16 24.14
N GLY C 70 12.99 -21.44 24.82
CA GLY C 70 12.82 -20.01 24.98
C GLY C 70 13.45 -19.10 23.94
N LEU C 71 14.01 -19.67 22.88
CA LEU C 71 14.66 -18.85 21.85
C LEU C 71 13.72 -18.44 20.72
N TYR C 72 12.49 -18.93 20.75
CA TYR C 72 11.51 -18.54 19.73
C TYR C 72 10.15 -18.27 20.38
N PRO C 73 9.50 -17.14 20.04
CA PRO C 73 9.91 -16.02 19.19
C PRO C 73 11.10 -15.26 19.72
N TYR C 74 11.72 -14.52 18.83
CA TYR C 74 12.85 -13.67 19.17
C TYR C 74 12.54 -12.73 20.34
N THR C 75 13.40 -12.74 21.34
CA THR C 75 13.43 -11.66 22.34
C THR C 75 14.88 -11.24 22.59
N SER C 76 15.06 -9.97 22.94
CA SER C 76 16.38 -9.33 22.91
C SER C 76 17.51 -9.99 23.71
N LEU C 77 17.24 -10.38 24.95
CA LEU C 77 18.35 -10.74 25.82
C LEU C 77 19.00 -12.08 25.46
N PRO C 78 18.18 -13.12 25.27
CA PRO C 78 18.74 -14.42 24.87
C PRO C 78 19.60 -14.32 23.60
N HIS C 79 19.07 -13.70 22.55
CA HIS C 79 19.79 -13.64 21.29
C HIS C 79 21.05 -12.80 21.36
N THR C 80 21.04 -11.75 22.19
CA THR C 80 22.21 -10.91 22.36
C THR C 80 23.32 -11.63 23.12
N SER C 81 22.96 -12.29 24.22
CA SER C 81 23.96 -12.99 25.02
C SER C 81 24.58 -14.15 24.25
N ILE C 82 23.76 -14.82 23.44
CA ILE C 82 24.25 -15.87 22.55
C ILE C 82 25.33 -15.33 21.60
N LEU C 83 24.97 -14.33 20.80
CA LEU C 83 25.97 -13.74 19.91
C LEU C 83 27.20 -13.17 20.66
N VAL C 84 26.96 -12.40 21.72
CA VAL C 84 28.05 -11.76 22.43
C VAL C 84 29.01 -12.79 23.03
N ASN C 85 28.45 -13.80 23.68
CA ASN C 85 29.27 -14.83 24.32
C ASN C 85 30.06 -15.65 23.32
N LEU C 86 29.37 -16.10 22.28
CA LEU C 86 29.95 -16.90 21.22
C LEU C 86 31.04 -16.09 20.54
N PHE C 87 30.75 -14.82 20.30
CA PHE C 87 31.66 -13.95 19.58
C PHE C 87 32.90 -13.63 20.41
N LYS C 88 32.75 -13.72 21.74
CA LYS C 88 33.91 -13.56 22.61
C LYS C 88 34.83 -14.77 22.51
N GLU C 89 34.24 -15.97 22.42
CA GLU C 89 35.00 -17.20 22.25
C GLU C 89 35.64 -17.32 20.87
N GLU C 90 34.86 -17.02 19.83
CA GLU C 90 35.29 -17.27 18.45
C GLU C 90 36.10 -16.12 17.85
N GLN C 91 35.85 -14.90 18.31
CA GLN C 91 36.57 -13.72 17.83
C GLN C 91 36.46 -13.57 16.32
N PRO C 92 35.23 -13.41 15.80
CA PRO C 92 34.98 -13.20 14.38
C PRO C 92 35.65 -11.93 13.91
N GLN C 93 35.98 -11.84 12.63
CA GLN C 93 36.48 -10.57 12.12
C GLN C 93 35.34 -9.80 11.48
N ILE C 94 34.31 -10.54 11.07
CA ILE C 94 33.13 -9.96 10.46
C ILE C 94 31.86 -10.68 10.90
N CYS C 95 30.79 -9.91 11.11
CA CYS C 95 29.48 -10.48 11.33
C CYS C 95 28.50 -9.70 10.49
N LEU C 96 27.62 -10.44 9.82
CA LEU C 96 26.64 -9.88 8.92
C LEU C 96 25.27 -10.33 9.37
N GLY C 98 20.77 -9.63 8.60
CA GLY C 98 19.73 -9.00 7.81
C GLY C 98 19.17 -7.76 8.50
N ALA C 99 19.07 -6.66 7.76
CA ALA C 99 18.47 -5.43 8.26
C ALA C 99 16.95 -5.60 8.37
N THR C 100 16.52 -6.26 9.43
CA THR C 100 15.11 -6.52 9.63
C THR C 100 14.72 -5.88 10.95
N VAL C 101 13.48 -6.13 11.35
CA VAL C 101 13.03 -5.74 12.68
C VAL C 101 13.96 -6.34 13.75
N ILE C 102 14.32 -7.62 13.59
CA ILE C 102 15.26 -8.22 14.53
C ILE C 102 16.64 -7.62 14.41
N GLY C 103 17.16 -7.51 13.19
CA GLY C 103 18.46 -6.92 12.96
C GLY C 103 18.60 -5.56 13.62
N ARG C 104 17.56 -4.74 13.50
CA ARG C 104 17.60 -3.39 14.09
C ARG C 104 17.62 -3.38 15.61
N ASP C 105 17.23 -4.51 16.22
CA ASP C 105 17.34 -4.65 17.66
C ASP C 105 18.62 -5.39 18.05
N LEU C 106 18.87 -6.52 17.39
CA LEU C 106 19.99 -7.36 17.75
C LEU C 106 21.33 -6.67 17.50
N GLY C 107 21.47 -6.04 16.33
CA GLY C 107 22.71 -5.40 15.94
C GLY C 107 23.30 -4.45 16.96
N PRO C 108 22.54 -3.41 17.33
CA PRO C 108 23.05 -2.40 18.25
C PRO C 108 23.37 -2.99 19.62
N ARG C 109 22.51 -3.89 20.11
CA ARG C 109 22.79 -4.50 21.41
C ARG C 109 24.11 -5.27 21.42
N VAL C 110 24.32 -6.10 20.40
CA VAL C 110 25.54 -6.88 20.27
C VAL C 110 26.78 -6.00 20.03
N SER C 111 26.70 -5.08 19.08
CA SER C 111 27.86 -4.22 18.83
C SER C 111 28.25 -3.41 20.08
N SER C 112 27.28 -2.82 20.76
CA SER C 112 27.56 -2.06 21.99
C SER C 112 28.30 -2.93 23.02
N ALA C 113 27.83 -4.16 23.22
CA ALA C 113 28.42 -5.07 24.21
C ALA C 113 29.82 -5.59 23.84
N LEU C 114 30.12 -5.56 22.54
CA LEU C 114 31.41 -6.04 22.03
C LEU C 114 32.33 -4.88 21.68
N THR C 115 31.83 -3.66 21.88
CA THR C 115 32.57 -2.46 21.56
C THR C 115 33.02 -2.51 20.11
N SER C 116 32.11 -2.88 19.22
CA SER C 116 32.46 -2.98 17.82
C SER C 116 31.67 -1.94 17.04
N GLY C 117 31.96 -1.84 15.76
CA GLY C 117 31.22 -0.96 14.87
C GLY C 117 29.97 -1.66 14.38
N LEU C 118 29.19 -0.94 13.60
CA LEU C 118 27.99 -1.46 12.98
C LEU C 118 27.50 -0.44 11.97
N THR C 119 27.43 -0.86 10.71
CA THR C 119 26.85 0.00 9.68
C THR C 119 25.56 -0.61 9.18
N ALA C 120 24.45 0.08 9.43
CA ALA C 120 23.14 -0.42 9.04
C ALA C 120 22.85 -0.14 7.59
N ASP C 121 21.99 -0.96 6.99
CA ASP C 121 21.51 -0.74 5.63
C ASP C 121 22.65 -0.54 4.63
N CYS C 122 23.70 -1.34 4.73
CA CYS C 122 24.72 -1.31 3.68
C CYS C 122 24.11 -1.73 2.34
N THR C 123 24.77 -1.32 1.28
CA THR C 123 24.21 -1.31 -0.04
C THR C 123 25.12 -2.11 -0.97
N SER C 124 26.37 -2.25 -0.54
CA SER C 124 27.36 -3.11 -1.14
C SER C 124 28.30 -3.49 -0.02
N LEU C 125 29.01 -4.60 -0.20
CA LEU C 125 30.07 -4.96 0.72
C LEU C 125 31.28 -5.42 -0.10
N GLU C 126 32.46 -4.91 0.24
CA GLU C 126 33.67 -5.28 -0.47
C GLU C 126 34.75 -5.53 0.56
N ILE C 127 35.89 -6.02 0.09
CA ILE C 127 37.09 -6.09 0.91
C ILE C 127 38.07 -5.06 0.37
N GLY C 128 38.78 -4.37 1.27
CA GLY C 128 39.64 -3.30 0.84
C GLY C 128 40.61 -2.89 1.90
N ASP C 129 41.54 -2.01 1.54
CA ASP C 129 42.60 -1.59 2.45
C ASP C 129 42.39 -0.16 2.89
N HIS C 130 43.05 0.25 3.97
CA HIS C 130 42.95 1.63 4.42
C HIS C 130 44.26 2.17 4.98
N GLU C 131 44.76 3.24 4.36
CA GLU C 131 45.98 3.90 4.83
C GLU C 131 45.65 4.95 5.87
N ASP C 132 46.06 4.67 7.11
CA ASP C 132 45.97 5.68 8.14
C ASP C 132 47.12 6.66 7.92
N LYS C 133 46.89 7.62 7.03
CA LYS C 133 47.91 8.59 6.64
C LYS C 133 48.58 9.23 7.86
N LYS C 134 47.79 9.51 8.89
CA LYS C 134 48.26 10.22 10.08
C LYS C 134 49.46 9.56 10.76
N GLU C 135 49.47 8.24 10.81
CA GLU C 135 50.57 7.52 11.44
C GLU C 135 51.15 6.48 10.48
N GLY C 136 50.86 6.66 9.19
CA GLY C 136 51.47 5.86 8.13
C GLY C 136 51.28 4.36 8.15
N LYS C 137 50.23 3.89 8.82
CA LYS C 137 49.94 2.46 8.89
C LYS C 137 48.92 2.05 7.82
N VAL C 138 49.13 0.88 7.20
CA VAL C 138 48.16 0.37 6.25
C VAL C 138 47.38 -0.80 6.83
N TYR C 139 46.05 -0.65 6.85
CA TYR C 139 45.18 -1.71 7.30
C TYR C 139 44.72 -2.52 6.09
N LYS C 140 44.93 -3.83 6.15
CA LYS C 140 44.66 -4.66 4.99
C LYS C 140 43.43 -5.55 5.17
N ASN C 141 42.65 -5.63 4.10
CA ASN C 141 41.50 -6.52 4.02
C ASN C 141 40.42 -6.21 5.05
N LEU C 142 39.95 -4.98 5.04
CA LEU C 142 38.87 -4.54 5.90
C LEU C 142 37.54 -4.72 5.18
N LEU C 143 36.46 -4.85 5.95
CA LEU C 143 35.15 -4.89 5.33
C LEU C 143 34.71 -3.47 4.94
N TYR C 144 34.63 -3.21 3.64
CA TYR C 144 34.14 -1.93 3.17
C TYR C 144 32.65 -1.94 3.35
N GLN C 145 32.15 -1.08 4.23
CA GLN C 145 30.72 -0.99 4.46
C GLN C 145 30.15 0.19 3.65
N ILE C 146 29.49 -0.13 2.56
CA ILE C 146 29.19 0.86 1.54
C ILE C 146 27.70 1.22 1.47
N ARG C 147 27.39 2.52 1.50
CA ARG C 147 26.00 2.98 1.43
C ARG C 147 25.92 4.46 1.18
N PRO C 148 24.75 4.94 0.74
CA PRO C 148 24.53 6.38 0.60
C PRO C 148 24.71 7.08 1.95
N ALA C 149 25.26 8.29 1.91
CA ALA C 149 25.56 9.05 3.13
C ALA C 149 25.30 10.56 2.98
N PHE C 150 25.38 11.26 4.11
CA PHE C 150 25.23 12.72 4.15
C PHE C 150 23.99 13.20 3.42
N GLY C 151 22.83 12.72 3.84
CA GLY C 151 21.55 13.17 3.31
C GLY C 151 21.22 12.73 1.90
N GLY C 152 21.85 11.64 1.44
CA GLY C 152 21.59 11.12 0.10
C GLY C 152 22.40 11.84 -0.95
N ASN C 153 23.61 12.25 -0.57
CA ASN C 153 24.46 13.10 -1.40
C ASN C 153 25.51 12.34 -2.19
N ILE C 154 25.97 11.23 -1.63
CA ILE C 154 27.22 10.62 -2.03
C ILE C 154 27.15 9.15 -1.57
N VAL C 155 27.84 8.25 -2.27
CA VAL C 155 27.94 6.87 -1.76
C VAL C 155 29.28 6.72 -1.05
N ALA C 156 29.25 6.62 0.27
CA ALA C 156 30.46 6.60 1.07
C ALA C 156 30.79 5.19 1.52
N THR C 157 31.97 5.01 2.11
CA THR C 157 32.41 3.70 2.58
C THR C 157 32.91 3.81 4.01
N ILE C 158 32.32 3.05 4.92
CA ILE C 158 32.78 3.04 6.30
C ILE C 158 33.68 1.84 6.55
N VAL C 159 34.77 2.05 7.28
CA VAL C 159 35.59 0.94 7.75
C VAL C 159 35.87 1.06 9.26
N ASN C 160 36.06 -0.09 9.89
CA ASN C 160 36.49 -0.16 11.28
C ASN C 160 37.86 -0.80 11.35
N PRO C 161 38.91 0.01 11.26
CA PRO C 161 40.27 -0.52 11.19
C PRO C 161 40.60 -1.52 12.30
N GLU C 162 40.21 -1.21 13.54
CA GLU C 162 40.61 -2.04 14.67
C GLU C 162 39.49 -2.78 15.40
N HIS C 163 38.37 -2.13 15.64
CA HIS C 163 37.28 -2.76 16.39
C HIS C 163 36.68 -4.00 15.70
N ARG C 164 36.55 -5.08 16.47
CA ARG C 164 36.04 -6.35 15.94
C ARG C 164 34.90 -6.88 16.79
N PRO C 165 33.89 -7.51 16.16
CA PRO C 165 33.87 -7.73 14.70
C PRO C 165 33.49 -6.48 13.95
N GLN C 166 33.77 -6.44 12.65
CA GLN C 166 33.16 -5.46 11.78
C GLN C 166 31.76 -5.97 11.45
N ALA C 168 27.73 -5.34 9.87
CA ALA C 168 26.95 -4.63 8.87
C ALA C 168 25.61 -5.33 8.71
N THR C 169 24.55 -4.56 8.58
CA THR C 169 23.27 -5.14 8.23
C THR C 169 23.03 -4.82 6.75
N VAL C 170 22.12 -5.56 6.13
CA VAL C 170 21.76 -5.36 4.73
C VAL C 170 20.28 -5.69 4.58
N ARG C 171 19.57 -4.88 3.80
CA ARG C 171 18.16 -5.16 3.58
C ARG C 171 17.98 -6.37 2.67
N GLU C 172 16.83 -7.00 2.81
CA GLU C 172 16.46 -8.10 1.94
C GLU C 172 16.37 -7.62 0.50
N GLY C 173 16.80 -8.47 -0.44
CA GLY C 173 16.70 -8.18 -1.86
C GLY C 173 17.87 -7.42 -2.46
N VAL C 174 18.88 -7.12 -1.64
CA VAL C 174 20.06 -6.38 -2.10
C VAL C 174 21.12 -7.33 -2.66
N LYS C 176 22.12 -11.27 -4.12
CA LYS C 176 21.56 -12.49 -4.69
C LYS C 176 21.82 -13.64 -3.70
N LYS C 177 20.92 -14.62 -3.69
CA LYS C 177 21.22 -15.88 -3.01
C LYS C 177 21.50 -17.01 -4.00
N GLU C 178 22.52 -17.81 -3.69
CA GLU C 178 22.96 -18.86 -4.58
C GLU C 178 23.71 -19.93 -3.80
N ILE C 179 23.23 -21.16 -3.85
CA ILE C 179 23.89 -22.21 -3.11
C ILE C 179 25.21 -22.57 -3.78
N VAL C 180 26.11 -23.20 -3.03
CA VAL C 180 27.35 -23.73 -3.60
C VAL C 180 27.12 -25.14 -4.18
N SER C 181 26.50 -26.00 -3.38
CA SER C 181 26.26 -27.39 -3.73
C SER C 181 25.47 -28.05 -2.62
N PRO C 182 24.43 -28.83 -2.97
CA PRO C 182 23.64 -29.55 -1.97
C PRO C 182 24.50 -30.49 -1.15
N ALA C 183 25.74 -30.71 -1.58
CA ALA C 183 26.61 -31.66 -0.91
C ALA C 183 27.72 -30.98 -0.14
N TYR C 184 27.68 -29.65 -0.07
CA TYR C 184 28.67 -28.90 0.71
C TYR C 184 28.66 -29.40 2.13
N GLN C 185 29.83 -29.61 2.71
CA GLN C 185 29.91 -30.17 4.05
C GLN C 185 30.30 -29.14 5.12
N GLY C 186 29.70 -29.23 6.29
CA GLY C 186 30.06 -28.32 7.38
C GLY C 186 29.89 -28.91 8.76
N GLU C 187 30.76 -28.51 9.68
CA GLU C 187 30.65 -28.91 11.08
C GLU C 187 29.40 -28.27 11.69
N VAL C 188 28.47 -29.09 12.14
CA VAL C 188 27.26 -28.58 12.78
C VAL C 188 27.37 -28.78 14.29
N ILE C 189 27.50 -27.68 15.03
CA ILE C 189 27.67 -27.75 16.47
C ILE C 189 26.40 -27.39 17.23
N ARG C 190 25.87 -28.35 17.98
CA ARG C 190 24.70 -28.06 18.82
C ARG C 190 25.14 -27.70 20.24
N HIS C 191 25.08 -26.41 20.54
CA HIS C 191 25.65 -25.88 21.77
C HIS C 191 24.73 -26.10 22.96
N ASP C 192 25.33 -26.20 24.14
CA ASP C 192 24.60 -26.24 25.39
C ASP C 192 24.11 -24.83 25.70
N VAL C 193 22.83 -24.58 25.45
CA VAL C 193 22.25 -23.25 25.58
C VAL C 193 22.53 -22.60 26.95
N LYS C 194 22.50 -23.40 28.02
CA LYS C 194 22.70 -22.84 29.35
C LYS C 194 24.01 -22.05 29.44
N LYS C 195 24.99 -22.42 28.63
CA LYS C 195 26.32 -21.81 28.72
C LYS C 195 26.46 -20.49 27.98
N TYR C 196 25.41 -20.10 27.25
CA TYR C 196 25.48 -18.92 26.38
C TYR C 196 24.33 -17.95 26.67
N VAL C 197 23.17 -18.50 26.95
CA VAL C 197 22.01 -17.68 27.24
C VAL C 197 21.93 -17.29 28.71
N ALA C 198 21.21 -16.20 29.00
CA ALA C 198 20.97 -15.77 30.38
C ALA C 198 19.49 -15.82 30.76
N ASP C 199 19.21 -16.14 32.03
CA ASP C 199 17.84 -16.26 32.53
C ASP C 199 16.97 -15.01 32.40
N THR C 200 15.66 -15.22 32.57
CA THR C 200 14.65 -14.19 32.32
C THR C 200 14.60 -13.18 33.48
N ASP C 201 14.33 -13.70 34.66
CA ASP C 201 14.28 -12.90 35.89
C ASP C 201 13.50 -11.61 35.69
N TYR C 202 12.21 -11.76 35.45
CA TYR C 202 11.30 -10.63 35.54
C TYR C 202 9.95 -11.25 35.73
N VAL C 203 9.10 -10.56 36.47
CA VAL C 203 7.77 -11.08 36.72
C VAL C 203 6.80 -9.92 36.74
N VAL C 204 5.74 -10.08 35.95
CA VAL C 204 4.68 -9.08 35.87
C VAL C 204 3.73 -9.35 37.02
N LYS C 205 3.50 -8.32 37.85
CA LYS C 205 2.63 -8.45 39.01
C LYS C 205 1.50 -7.43 38.94
N VAL C 206 0.41 -7.73 39.61
CA VAL C 206 -0.60 -6.73 39.89
C VAL C 206 -0.71 -6.62 41.41
N ILE C 207 -0.26 -5.48 41.94
CA ILE C 207 -0.28 -5.23 43.38
C ILE C 207 -1.69 -4.89 43.91
N GLU C 208 -2.14 -5.63 44.93
CA GLU C 208 -3.48 -5.42 45.48
C GLU C 208 -3.71 -4.01 46.03
N ARG C 209 -2.75 -3.50 46.80
CA ARG C 209 -2.95 -2.18 47.41
C ARG C 209 -3.00 -1.06 46.37
N HIS C 210 -2.63 -1.35 45.12
CA HIS C 210 -2.67 -0.35 44.06
C HIS C 210 -4.12 -0.02 43.70
N VAL C 211 -5.03 -0.85 44.22
CA VAL C 211 -6.45 -0.72 43.95
C VAL C 211 -7.23 -0.38 45.23
N GLU C 212 -6.49 -0.28 46.33
CA GLU C 212 -7.05 0.14 47.62
C GLU C 212 -7.08 1.67 47.80
N LYS C 213 -8.17 2.14 48.38
CA LYS C 213 -8.42 3.55 48.57
C LYS C 213 -7.35 4.24 49.42
N ALA C 214 -6.96 5.45 49.00
CA ALA C 214 -5.87 6.20 49.64
C ALA C 214 -6.18 6.67 51.07
N ALA D 3 -21.90 -28.33 25.12
CA ALA D 3 -22.55 -27.50 26.13
C ALA D 3 -22.04 -26.05 26.10
N ASN D 4 -20.74 -25.89 26.37
N ASN D 4 -20.75 -25.88 26.40
CA ASN D 4 -20.12 -24.56 26.33
CA ASN D 4 -20.10 -24.57 26.37
C ASN D 4 -18.95 -24.58 25.37
C ASN D 4 -18.93 -24.55 25.39
N ASN D 5 -19.13 -23.92 24.24
CA ASN D 5 -18.16 -24.01 23.14
C ASN D 5 -17.25 -22.80 22.88
N LEU D 6 -16.51 -22.87 21.77
CA LEU D 6 -15.60 -21.82 21.36
C LEU D 6 -16.15 -21.11 20.13
N PHE D 7 -16.39 -19.81 20.24
CA PHE D 7 -16.96 -19.05 19.14
C PHE D 7 -15.89 -18.24 18.44
N VAL D 8 -16.09 -18.00 17.15
CA VAL D 8 -15.23 -17.08 16.42
C VAL D 8 -16.12 -16.14 15.64
N TYR D 9 -15.88 -14.84 15.80
CA TYR D 9 -16.58 -13.84 15.00
C TYR D 9 -15.93 -13.71 13.63
N CYS D 10 -16.71 -13.93 12.58
CA CYS D 10 -16.18 -13.88 11.23
C CYS D 10 -16.47 -12.53 10.60
N GLU D 11 -15.41 -11.74 10.39
CA GLU D 11 -15.54 -10.41 9.82
C GLU D 11 -15.74 -10.48 8.30
N ILE D 12 -16.58 -9.60 7.78
CA ILE D 12 -17.00 -9.67 6.38
C ILE D 12 -16.77 -8.34 5.65
N GLU D 13 -16.11 -8.39 4.49
CA GLU D 13 -15.98 -7.21 3.63
C GLU D 13 -16.24 -7.54 2.15
N GLU D 14 -17.13 -6.78 1.53
CA GLU D 14 -17.45 -6.97 0.13
C GLU D 14 -17.79 -8.43 -0.15
N GLY D 15 -18.46 -9.06 0.82
CA GLY D 15 -18.89 -10.43 0.65
C GLY D 15 -17.88 -11.48 1.07
N ILE D 16 -16.66 -11.05 1.40
CA ILE D 16 -15.62 -12.03 1.75
C ILE D 16 -15.21 -12.04 3.21
N VAL D 17 -15.25 -13.23 3.81
CA VAL D 17 -14.73 -13.43 5.15
C VAL D 17 -13.24 -13.10 5.17
N ALA D 18 -12.86 -12.16 6.05
CA ALA D 18 -11.50 -11.67 6.15
C ALA D 18 -10.50 -12.76 6.55
N ASP D 19 -9.25 -12.59 6.17
CA ASP D 19 -8.23 -13.60 6.47
C ASP D 19 -8.00 -13.84 7.97
N VAL D 20 -8.01 -12.76 8.77
CA VAL D 20 -7.84 -12.93 10.21
C VAL D 20 -8.90 -13.83 10.78
N SER D 21 -10.13 -13.67 10.30
CA SER D 21 -11.22 -14.50 10.77
C SER D 21 -10.91 -15.97 10.47
N LEU D 22 -10.45 -16.26 9.24
CA LEU D 22 -10.15 -17.64 8.83
C LEU D 22 -8.96 -18.21 9.59
N GLU D 23 -8.02 -17.34 9.93
CA GLU D 23 -6.85 -17.72 10.72
C GLU D 23 -7.30 -18.09 12.14
N LEU D 24 -8.31 -17.38 12.65
CA LEU D 24 -8.85 -17.68 13.97
C LEU D 24 -9.79 -18.91 13.98
N LEU D 25 -10.47 -19.18 12.87
CA LEU D 25 -11.20 -20.44 12.74
C LEU D 25 -10.25 -21.62 12.83
N THR D 26 -9.07 -21.48 12.23
CA THR D 26 -8.06 -22.54 12.29
C THR D 26 -7.53 -22.71 13.72
N LYS D 27 -7.17 -21.60 14.35
CA LYS D 27 -6.66 -21.64 15.70
C LYS D 27 -7.76 -22.13 16.63
N GLY D 28 -8.98 -21.65 16.38
CA GLY D 28 -10.13 -22.06 17.16
C GLY D 28 -10.32 -23.57 17.09
N ARG D 29 -10.22 -24.12 15.89
CA ARG D 29 -10.37 -25.55 15.66
C ARG D 29 -9.35 -26.31 16.50
N SER D 30 -8.11 -25.82 16.53
CA SER D 30 -7.06 -26.44 17.34
C SER D 30 -7.41 -26.43 18.81
N LEU D 31 -7.81 -25.27 19.30
CA LEU D 31 -8.16 -25.10 20.71
C LEU D 31 -9.38 -25.93 21.06
N ALA D 32 -10.45 -25.79 20.26
CA ALA D 32 -11.65 -26.60 20.45
C ALA D 32 -11.32 -28.09 20.54
N ASN D 33 -10.36 -28.54 19.72
CA ASN D 33 -9.98 -29.94 19.78
C ASN D 33 -9.38 -30.29 21.12
N GLU D 34 -8.55 -29.40 21.63
CA GLU D 34 -7.90 -29.63 22.90
C GLU D 34 -8.91 -29.52 24.04
N LEU D 35 -9.90 -28.65 23.87
CA LEU D 35 -10.94 -28.44 24.88
C LEU D 35 -11.98 -29.56 24.85
N ASN D 36 -11.94 -30.38 23.79
CA ASN D 36 -12.99 -31.35 23.50
C ASN D 36 -14.35 -30.69 23.46
N CYS D 37 -14.44 -29.59 22.72
CA CYS D 37 -15.70 -28.92 22.53
C CYS D 37 -15.83 -28.61 21.05
N GLN D 38 -16.90 -27.93 20.67
CA GLN D 38 -17.13 -27.64 19.26
C GLN D 38 -16.70 -26.22 18.88
N LEU D 39 -16.49 -26.02 17.59
CA LEU D 39 -16.16 -24.70 17.08
C LEU D 39 -17.41 -24.12 16.48
N GLU D 40 -17.87 -23.00 17.03
CA GLU D 40 -19.00 -22.30 16.45
C GLU D 40 -18.55 -20.95 15.90
N ALA D 41 -19.31 -20.42 14.95
CA ALA D 41 -18.94 -19.14 14.36
C ALA D 41 -20.14 -18.24 14.12
N VAL D 42 -19.89 -16.95 14.01
CA VAL D 42 -20.95 -15.96 13.82
C VAL D 42 -20.65 -15.09 12.61
N VAL D 43 -21.65 -14.84 11.79
CA VAL D 43 -21.49 -13.90 10.69
C VAL D 43 -22.70 -13.02 10.61
N ALA D 44 -22.47 -11.73 10.38
CA ALA D 44 -23.55 -10.79 10.18
C ALA D 44 -23.23 -9.97 8.95
N GLY D 45 -24.21 -9.85 8.06
CA GLY D 45 -24.01 -9.15 6.81
C GLY D 45 -25.29 -9.15 6.00
N THR D 46 -25.18 -8.74 4.74
CA THR D 46 -26.29 -8.84 3.80
C THR D 46 -25.93 -9.84 2.72
N GLY D 47 -26.93 -10.58 2.24
CA GLY D 47 -26.76 -11.47 1.11
C GLY D 47 -25.76 -12.57 1.38
N LEU D 48 -26.09 -13.42 2.36
CA LEU D 48 -25.19 -14.49 2.77
C LEU D 48 -25.74 -15.89 2.47
N LYS D 49 -26.44 -16.03 1.34
CA LYS D 49 -26.99 -17.34 0.96
C LYS D 49 -25.94 -18.44 0.96
N GLU D 50 -24.78 -18.14 0.38
CA GLU D 50 -23.71 -19.12 0.23
C GLU D 50 -22.55 -18.97 1.20
N ILE D 51 -22.68 -18.04 2.15
CA ILE D 51 -21.59 -17.71 3.07
C ILE D 51 -20.95 -18.94 3.72
N GLU D 52 -21.76 -19.96 4.01
CA GLU D 52 -21.27 -21.18 4.65
C GLU D 52 -20.06 -21.78 3.94
N LYS D 53 -19.94 -21.54 2.65
CA LYS D 53 -18.88 -22.15 1.85
C LYS D 53 -17.50 -21.61 2.20
N GLN D 54 -17.43 -20.37 2.69
CA GLN D 54 -16.13 -19.77 3.03
C GLN D 54 -15.69 -20.19 4.42
N ILE D 55 -16.66 -20.63 5.22
CA ILE D 55 -16.43 -20.84 6.64
C ILE D 55 -16.34 -22.32 7.04
N LEU D 56 -17.30 -23.13 6.62
CA LEU D 56 -17.38 -24.53 7.12
C LEU D 56 -16.11 -25.37 6.94
N PRO D 57 -15.41 -25.23 5.81
CA PRO D 57 -14.24 -26.07 5.57
C PRO D 57 -13.16 -25.94 6.63
N TYR D 58 -13.18 -24.85 7.41
CA TYR D 58 -12.16 -24.63 8.43
C TYR D 58 -12.44 -25.40 9.71
N GLY D 59 -13.56 -26.14 9.72
CA GLY D 59 -13.86 -27.05 10.81
C GLY D 59 -14.95 -26.58 11.77
N VAL D 60 -15.81 -25.68 11.27
CA VAL D 60 -16.89 -25.10 12.05
C VAL D 60 -18.08 -26.06 12.19
N ASP D 61 -18.41 -26.40 13.42
CA ASP D 61 -19.51 -27.34 13.71
C ASP D 61 -20.88 -26.69 13.66
N LYS D 62 -20.92 -25.40 13.93
CA LYS D 62 -22.18 -24.66 13.92
C LYS D 62 -21.91 -23.23 13.45
N LEU D 63 -22.71 -22.75 12.51
CA LEU D 63 -22.51 -21.43 11.94
C LEU D 63 -23.78 -20.59 12.07
N HIS D 64 -23.72 -19.54 12.89
CA HIS D 64 -24.88 -18.69 13.10
C HIS D 64 -24.86 -17.54 12.13
N VAL D 65 -25.91 -17.45 11.32
CA VAL D 65 -25.92 -16.50 10.23
C VAL D 65 -27.00 -15.44 10.43
N PHE D 66 -26.59 -14.17 10.46
CA PHE D 66 -27.51 -13.06 10.56
C PHE D 66 -27.44 -12.24 9.28
N ASP D 67 -28.55 -12.24 8.54
CA ASP D 67 -28.58 -11.66 7.19
C ASP D 67 -29.70 -10.65 7.11
N ALA D 68 -29.35 -9.36 7.02
CA ALA D 68 -30.33 -8.27 6.92
C ALA D 68 -29.71 -7.09 6.18
N GLU D 69 -30.54 -6.22 5.61
CA GLU D 69 -30.01 -5.13 4.81
C GLU D 69 -29.09 -4.23 5.65
N GLY D 70 -29.49 -3.95 6.88
CA GLY D 70 -28.73 -3.07 7.75
C GLY D 70 -27.65 -3.69 8.61
N LEU D 71 -27.17 -4.87 8.25
CA LEU D 71 -26.08 -5.47 8.99
C LEU D 71 -24.80 -5.32 8.18
N TYR D 72 -24.91 -4.68 7.03
CA TYR D 72 -23.73 -4.36 6.21
C TYR D 72 -23.83 -2.98 5.58
N PRO D 73 -22.76 -2.19 5.70
CA PRO D 73 -21.49 -2.49 6.37
C PRO D 73 -21.66 -2.58 7.88
N TYR D 74 -20.60 -3.00 8.56
CA TYR D 74 -20.61 -3.08 10.02
C TYR D 74 -21.01 -1.76 10.67
N THR D 75 -21.88 -1.82 11.68
CA THR D 75 -22.19 -0.67 12.53
C THR D 75 -22.29 -1.16 13.96
N SER D 76 -21.86 -0.33 14.91
CA SER D 76 -21.63 -0.76 16.28
C SER D 76 -22.82 -1.40 16.99
N LEU D 77 -23.99 -0.77 16.90
CA LEU D 77 -25.13 -1.21 17.70
C LEU D 77 -25.76 -2.58 17.30
N PRO D 78 -26.10 -2.79 16.00
CA PRO D 78 -26.63 -4.10 15.60
C PRO D 78 -25.65 -5.25 15.87
N HIS D 79 -24.40 -5.12 15.45
CA HIS D 79 -23.46 -6.22 15.64
C HIS D 79 -23.20 -6.49 17.11
N THR D 80 -23.25 -5.45 17.95
CA THR D 80 -23.06 -5.66 19.39
C THR D 80 -24.24 -6.38 20.02
N SER D 81 -25.47 -5.95 19.70
CA SER D 81 -26.66 -6.64 20.21
C SER D 81 -26.62 -8.14 19.85
N ILE D 82 -26.44 -8.42 18.57
CA ILE D 82 -26.38 -9.78 18.09
C ILE D 82 -25.42 -10.64 18.92
N LEU D 83 -24.14 -10.28 18.95
CA LEU D 83 -23.18 -11.10 19.70
C LEU D 83 -23.51 -11.21 21.18
N VAL D 84 -24.07 -10.16 21.78
CA VAL D 84 -24.40 -10.20 23.20
C VAL D 84 -25.57 -11.13 23.46
N ASN D 85 -26.67 -10.94 22.73
CA ASN D 85 -27.85 -11.79 22.88
C ASN D 85 -27.57 -13.24 22.55
N LEU D 86 -26.85 -13.45 21.45
CA LEU D 86 -26.47 -14.79 21.06
C LEU D 86 -25.59 -15.46 22.10
N PHE D 87 -24.69 -14.70 22.69
CA PHE D 87 -23.71 -15.27 23.61
C PHE D 87 -24.34 -15.53 24.97
N LYS D 88 -25.38 -14.77 25.29
CA LYS D 88 -26.12 -14.98 26.52
C LYS D 88 -26.86 -16.33 26.45
N GLU D 89 -27.44 -16.59 25.28
CA GLU D 89 -28.12 -17.85 25.00
C GLU D 89 -27.14 -19.03 24.98
N GLU D 90 -26.14 -18.96 24.13
CA GLU D 90 -25.20 -20.05 23.92
C GLU D 90 -24.19 -20.26 25.05
N GLN D 91 -23.87 -19.19 25.79
CA GLN D 91 -22.92 -19.26 26.90
C GLN D 91 -21.56 -19.85 26.50
N PRO D 92 -20.90 -19.23 25.50
CA PRO D 92 -19.62 -19.74 25.00
C PRO D 92 -18.58 -19.69 26.10
N GLN D 93 -17.62 -20.60 26.11
CA GLN D 93 -16.55 -20.46 27.09
C GLN D 93 -15.44 -19.53 26.57
N ILE D 94 -15.42 -19.35 25.26
CA ILE D 94 -14.38 -18.56 24.61
C ILE D 94 -14.94 -17.88 23.38
N CYS D 95 -14.52 -16.65 23.14
CA CYS D 95 -14.82 -16.02 21.86
C CYS D 95 -13.57 -15.35 21.32
N LEU D 96 -13.23 -15.67 20.06
CA LEU D 96 -12.10 -15.06 19.39
C LEU D 96 -12.56 -14.13 18.29
N GLY D 98 -10.82 -11.12 15.24
CA GLY D 98 -9.67 -10.48 14.62
C GLY D 98 -9.44 -9.06 15.12
N ALA D 99 -8.20 -8.78 15.52
CA ALA D 99 -7.84 -7.44 15.97
C ALA D 99 -7.79 -6.49 14.78
N THR D 100 -8.95 -6.00 14.38
CA THR D 100 -9.05 -5.12 13.22
C THR D 100 -9.72 -3.80 13.63
N VAL D 101 -10.03 -2.96 12.65
CA VAL D 101 -10.77 -1.74 12.94
C VAL D 101 -12.10 -2.13 13.54
N ILE D 102 -12.70 -3.18 12.98
CA ILE D 102 -13.96 -3.73 13.47
C ILE D 102 -13.80 -4.42 14.83
N GLY D 103 -12.82 -5.30 14.95
CA GLY D 103 -12.52 -5.92 16.23
C GLY D 103 -12.30 -4.88 17.33
N ARG D 104 -11.64 -3.78 16.98
CA ARG D 104 -11.31 -2.77 17.98
C ARG D 104 -12.52 -1.99 18.49
N ASP D 105 -13.62 -2.06 17.75
CA ASP D 105 -14.84 -1.38 18.15
C ASP D 105 -15.83 -2.33 18.81
N LEU D 106 -15.86 -3.56 18.32
CA LEU D 106 -16.89 -4.51 18.70
C LEU D 106 -16.46 -5.24 19.96
N GLY D 107 -15.18 -5.61 20.01
CA GLY D 107 -14.64 -6.38 21.12
C GLY D 107 -14.89 -5.77 22.49
N PRO D 108 -14.49 -4.50 22.69
CA PRO D 108 -14.73 -3.91 24.01
C PRO D 108 -16.23 -3.79 24.32
N ARG D 109 -17.06 -3.52 23.33
CA ARG D 109 -18.49 -3.40 23.58
C ARG D 109 -19.10 -4.71 24.04
N VAL D 110 -18.75 -5.80 23.36
CA VAL D 110 -19.33 -7.11 23.63
C VAL D 110 -18.81 -7.67 24.95
N SER D 111 -17.51 -7.56 25.18
CA SER D 111 -16.96 -8.12 26.39
C SER D 111 -17.47 -7.36 27.62
N SER D 112 -17.65 -6.04 27.47
CA SER D 112 -18.18 -5.23 28.57
C SER D 112 -19.62 -5.63 28.93
N ALA D 113 -20.46 -5.84 27.91
CA ALA D 113 -21.83 -6.25 28.14
C ALA D 113 -21.97 -7.63 28.79
N LEU D 114 -20.94 -8.47 28.68
CA LEU D 114 -20.99 -9.83 29.23
C LEU D 114 -20.06 -9.98 30.42
N THR D 115 -19.58 -8.86 30.93
CA THR D 115 -18.77 -8.85 32.13
C THR D 115 -17.53 -9.74 31.98
N SER D 116 -16.76 -9.50 30.94
CA SER D 116 -15.46 -10.15 30.81
C SER D 116 -14.43 -9.14 30.32
N GLY D 117 -13.16 -9.33 30.71
CA GLY D 117 -12.10 -8.45 30.25
C GLY D 117 -11.39 -8.93 28.99
N LEU D 118 -11.71 -8.31 27.86
CA LEU D 118 -11.02 -8.58 26.59
C LEU D 118 -9.50 -8.39 26.69
N THR D 119 -8.75 -9.30 26.08
CA THR D 119 -7.31 -9.09 25.92
C THR D 119 -6.97 -8.98 24.44
N ALA D 120 -6.57 -7.78 24.03
CA ALA D 120 -6.30 -7.45 22.63
C ALA D 120 -4.93 -7.92 22.19
N ASP D 121 -4.80 -8.22 20.90
CA ASP D 121 -3.49 -8.43 20.29
C ASP D 121 -2.66 -9.51 20.99
N CYS D 122 -3.20 -10.71 21.12
CA CYS D 122 -2.39 -11.80 21.66
C CYS D 122 -1.48 -12.34 20.58
N THR D 123 -0.39 -12.94 21.01
CA THR D 123 0.63 -13.44 20.10
C THR D 123 0.66 -14.95 20.18
N SER D 124 0.14 -15.49 21.28
CA SER D 124 -0.12 -16.91 21.43
C SER D 124 -1.43 -17.13 22.15
N LEU D 125 -2.03 -18.29 21.90
CA LEU D 125 -3.18 -18.77 22.65
C LEU D 125 -2.96 -20.26 22.93
N GLU D 126 -3.10 -20.64 24.18
N GLU D 126 -3.05 -20.63 24.19
CA GLU D 126 -2.93 -22.03 24.54
CA GLU D 126 -2.91 -22.02 24.58
C GLU D 126 -4.01 -22.40 25.52
C GLU D 126 -4.03 -22.40 25.51
N ILE D 127 -4.08 -23.66 25.89
CA ILE D 127 -4.99 -24.12 26.92
C ILE D 127 -4.16 -24.59 28.10
N GLY D 128 -4.50 -24.15 29.30
CA GLY D 128 -3.72 -24.50 30.47
C GLY D 128 -4.50 -24.39 31.77
N ASP D 129 -3.85 -24.75 32.87
CA ASP D 129 -4.48 -24.73 34.16
C ASP D 129 -3.97 -23.57 35.00
N HIS D 130 -4.78 -23.12 35.94
CA HIS D 130 -4.36 -22.07 36.85
C HIS D 130 -4.72 -22.44 38.27
N GLU D 131 -3.71 -22.47 39.14
CA GLU D 131 -3.95 -22.71 40.56
C GLU D 131 -4.09 -21.39 41.32
N ASP D 132 -5.25 -21.19 41.95
CA ASP D 132 -5.54 -19.95 42.68
C ASP D 132 -5.67 -20.22 44.18
N LYS D 133 -4.57 -20.02 44.92
CA LYS D 133 -4.54 -20.35 46.35
C LYS D 133 -5.52 -19.54 47.22
N LYS D 134 -5.91 -18.35 46.76
CA LYS D 134 -6.86 -17.52 47.50
C LYS D 134 -8.25 -18.18 47.54
N GLU D 135 -8.67 -18.73 46.40
CA GLU D 135 -9.94 -19.45 46.32
C GLU D 135 -9.75 -20.95 46.65
N GLY D 136 -8.48 -21.33 46.87
CA GLY D 136 -8.13 -22.70 47.22
C GLY D 136 -8.16 -23.66 46.04
N LYS D 137 -8.98 -23.33 45.04
CA LYS D 137 -9.23 -24.23 43.92
C LYS D 137 -8.21 -24.20 42.78
N VAL D 138 -8.26 -25.22 41.94
CA VAL D 138 -7.47 -25.28 40.72
C VAL D 138 -8.38 -25.24 39.51
N TYR D 139 -8.16 -24.23 38.66
CA TYR D 139 -8.96 -24.06 37.47
C TYR D 139 -8.33 -24.85 36.33
N LYS D 140 -9.16 -25.65 35.66
CA LYS D 140 -8.64 -26.47 34.58
C LYS D 140 -9.18 -26.01 33.23
N ASN D 141 -8.32 -26.12 32.22
CA ASN D 141 -8.66 -25.79 30.84
C ASN D 141 -9.08 -24.34 30.62
N LEU D 142 -8.19 -23.43 30.99
CA LEU D 142 -8.38 -22.01 30.77
C LEU D 142 -7.68 -21.59 29.47
N LEU D 143 -8.16 -20.51 28.88
CA LEU D 143 -7.50 -19.93 27.72
C LEU D 143 -6.35 -19.02 28.16
N TYR D 144 -5.12 -19.53 28.07
CA TYR D 144 -3.94 -18.69 28.19
C TYR D 144 -3.90 -17.65 27.08
N GLN D 145 -4.14 -16.39 27.43
CA GLN D 145 -4.06 -15.32 26.46
C GLN D 145 -2.69 -14.63 26.60
N ILE D 146 -1.76 -14.98 25.72
CA ILE D 146 -0.35 -14.60 25.85
C ILE D 146 0.05 -13.41 24.98
N ARG D 147 0.69 -12.41 25.59
CA ARG D 147 1.15 -11.20 24.87
C ARG D 147 2.22 -10.43 25.62
N PRO D 148 2.90 -9.52 24.92
CA PRO D 148 3.83 -8.63 25.62
C PRO D 148 3.06 -7.67 26.54
N ALA D 149 3.58 -7.43 27.74
CA ALA D 149 2.96 -6.49 28.68
C ALA D 149 2.82 -5.12 28.03
N PHE D 150 3.93 -4.64 27.47
CA PHE D 150 3.98 -3.39 26.72
C PHE D 150 5.09 -3.67 25.74
N GLY D 151 5.55 -2.65 25.01
CA GLY D 151 6.72 -2.84 24.18
C GLY D 151 6.73 -4.22 23.56
N GLY D 152 7.79 -5.00 23.78
CA GLY D 152 7.90 -6.30 23.15
C GLY D 152 8.69 -7.44 23.78
N ASN D 153 9.54 -7.16 24.78
CA ASN D 153 10.36 -8.22 25.38
C ASN D 153 9.75 -8.90 26.60
N ILE D 154 8.90 -8.17 27.30
CA ILE D 154 8.28 -8.69 28.50
C ILE D 154 6.94 -9.31 28.16
N VAL D 155 6.85 -10.61 28.34
CA VAL D 155 5.72 -11.39 27.86
C VAL D 155 5.03 -12.02 29.05
N ALA D 156 3.70 -12.04 29.03
CA ALA D 156 2.92 -12.50 30.18
C ALA D 156 1.75 -13.35 29.71
N THR D 157 1.08 -13.99 30.65
CA THR D 157 -0.11 -14.77 30.34
C THR D 157 -1.32 -14.29 31.15
N ILE D 158 -2.35 -13.79 30.48
CA ILE D 158 -3.59 -13.42 31.15
C ILE D 158 -4.55 -14.61 31.18
N VAL D 159 -5.22 -14.81 32.31
CA VAL D 159 -6.33 -15.77 32.38
C VAL D 159 -7.53 -15.12 33.08
N ASN D 160 -8.73 -15.56 32.72
CA ASN D 160 -9.97 -15.17 33.41
C ASN D 160 -10.57 -16.40 34.03
N PRO D 161 -10.16 -16.73 35.27
CA PRO D 161 -10.50 -18.05 35.83
C PRO D 161 -12.01 -18.29 35.91
N GLU D 162 -12.80 -17.24 36.12
CA GLU D 162 -14.24 -17.43 36.34
C GLU D 162 -15.14 -16.79 35.28
N HIS D 163 -14.81 -15.56 34.89
CA HIS D 163 -15.65 -14.81 33.97
C HIS D 163 -15.68 -15.36 32.54
N ARG D 164 -16.88 -15.40 31.96
CA ARG D 164 -17.06 -15.98 30.62
C ARG D 164 -17.88 -15.06 29.73
N PRO D 165 -17.63 -15.12 28.41
CA PRO D 165 -16.61 -15.97 27.79
C PRO D 165 -15.23 -15.36 27.96
N GLN D 166 -14.20 -16.19 27.93
CA GLN D 166 -12.85 -15.71 27.78
C GLN D 166 -12.70 -15.11 26.40
N ALA D 168 -10.56 -12.81 23.52
CA ALA D 168 -9.26 -12.32 23.06
C ALA D 168 -9.31 -11.92 21.59
N THR D 169 -8.43 -11.00 21.19
CA THR D 169 -8.24 -10.73 19.78
C THR D 169 -6.81 -11.03 19.36
N VAL D 170 -6.64 -11.29 18.07
CA VAL D 170 -5.35 -11.57 17.47
C VAL D 170 -5.25 -10.81 16.17
N ARG D 171 -4.05 -10.30 15.88
CA ARG D 171 -3.77 -9.56 14.65
C ARG D 171 -3.65 -10.48 13.43
N GLU D 172 -4.00 -9.97 12.25
CA GLU D 172 -3.86 -10.72 11.01
C GLU D 172 -2.43 -11.21 10.81
N GLY D 173 -2.26 -12.49 10.49
CA GLY D 173 -0.97 -13.03 10.13
C GLY D 173 -0.20 -13.64 11.28
N VAL D 174 -0.78 -13.61 12.48
CA VAL D 174 -0.15 -14.23 13.64
C VAL D 174 -0.38 -15.73 13.61
N LYS D 176 -1.60 -19.28 11.56
CA LYS D 176 -1.70 -19.89 10.24
C LYS D 176 -3.18 -20.22 9.95
N LYS D 177 -3.60 -20.05 8.70
CA LYS D 177 -4.92 -20.57 8.32
C LYS D 177 -4.78 -21.82 7.44
N GLU D 178 -5.69 -22.77 7.65
CA GLU D 178 -5.60 -24.06 7.00
C GLU D 178 -6.94 -24.74 7.16
N ILE D 179 -7.54 -25.19 6.06
CA ILE D 179 -8.84 -25.86 6.17
C ILE D 179 -8.70 -27.24 6.78
N VAL D 180 -9.82 -27.82 7.21
CA VAL D 180 -9.83 -29.17 7.72
C VAL D 180 -10.10 -30.16 6.59
N SER D 181 -11.12 -29.82 5.79
CA SER D 181 -11.57 -30.61 4.66
C SER D 181 -12.63 -29.80 3.92
N PRO D 182 -12.57 -29.80 2.59
CA PRO D 182 -13.55 -29.10 1.77
C PRO D 182 -14.95 -29.60 2.03
N ALA D 183 -15.05 -30.79 2.62
CA ALA D 183 -16.35 -31.42 2.88
C ALA D 183 -16.78 -31.37 4.35
N TYR D 184 -16.15 -30.47 5.12
CA TYR D 184 -16.46 -30.36 6.55
C TYR D 184 -17.94 -30.04 6.76
N GLN D 185 -18.54 -30.71 7.72
CA GLN D 185 -19.97 -30.60 7.95
C GLN D 185 -20.27 -29.86 9.25
N GLY D 186 -21.14 -28.88 9.17
CA GLY D 186 -21.65 -28.22 10.36
C GLY D 186 -23.03 -27.69 10.11
N GLU D 187 -23.82 -27.66 11.17
CA GLU D 187 -25.13 -27.04 11.11
C GLU D 187 -25.04 -25.54 10.80
N VAL D 188 -25.88 -25.07 9.89
CA VAL D 188 -25.95 -23.66 9.56
C VAL D 188 -27.31 -23.11 9.97
N ILE D 189 -27.34 -22.24 10.98
CA ILE D 189 -28.60 -21.65 11.42
C ILE D 189 -28.75 -20.25 10.88
N ARG D 190 -29.85 -19.98 10.19
CA ARG D 190 -30.14 -18.63 9.78
C ARG D 190 -31.14 -18.00 10.78
N HIS D 191 -30.63 -17.16 11.67
CA HIS D 191 -31.44 -16.63 12.77
C HIS D 191 -32.45 -15.59 12.30
N ASP D 192 -33.46 -15.33 13.13
CA ASP D 192 -34.32 -14.19 12.87
C ASP D 192 -33.60 -12.97 13.44
N VAL D 193 -33.34 -11.99 12.59
CA VAL D 193 -32.54 -10.84 12.98
C VAL D 193 -33.21 -9.92 14.00
N LYS D 194 -34.40 -9.40 13.71
CA LYS D 194 -35.09 -8.49 14.62
C LYS D 194 -35.03 -8.92 16.09
N LYS D 195 -35.23 -10.20 16.35
CA LYS D 195 -35.15 -10.76 17.69
C LYS D 195 -33.87 -10.32 18.42
N TYR D 196 -32.78 -10.21 17.67
CA TYR D 196 -31.46 -10.08 18.27
C TYR D 196 -30.97 -8.65 18.30
N VAL D 197 -31.73 -7.74 17.69
CA VAL D 197 -31.30 -6.34 17.61
C VAL D 197 -32.31 -5.30 18.11
N ALA D 198 -33.58 -5.69 18.27
CA ALA D 198 -34.60 -4.72 18.64
C ALA D 198 -34.55 -4.34 20.15
N ASP D 199 -33.64 -4.97 20.90
CA ASP D 199 -33.43 -4.62 22.28
C ASP D 199 -32.81 -3.22 22.35
N THR D 200 -32.00 -2.89 21.35
CA THR D 200 -31.38 -1.59 21.21
C THR D 200 -32.42 -0.46 21.21
N ASP D 201 -32.23 0.50 22.12
CA ASP D 201 -33.12 1.65 22.22
C ASP D 201 -32.44 2.88 21.60
N TYR D 202 -32.68 3.10 20.31
CA TYR D 202 -32.00 4.15 19.54
C TYR D 202 -32.94 4.76 18.51
N VAL D 203 -33.55 5.88 18.84
CA VAL D 203 -34.55 6.47 17.96
C VAL D 203 -34.11 7.80 17.33
N VAL D 204 -34.34 7.92 16.03
CA VAL D 204 -34.02 9.13 15.27
C VAL D 204 -35.27 10.02 15.15
N LYS D 205 -35.15 11.29 15.49
CA LYS D 205 -36.25 12.23 15.34
C LYS D 205 -35.89 13.37 14.37
N VAL D 206 -36.90 14.03 13.82
CA VAL D 206 -36.70 15.20 12.96
C VAL D 206 -36.47 16.54 13.69
N ILE D 207 -35.49 17.32 13.21
CA ILE D 207 -35.11 18.60 13.82
C ILE D 207 -35.96 19.80 13.37
#